data_465D
# 
_entry.id   465D 
# 
_audit_conform.dict_name       mmcif_pdbx.dic 
_audit_conform.dict_version    5.389 
_audit_conform.dict_location   http://mmcif.pdb.org/dictionaries/ascii/mmcif_pdbx.dic 
# 
loop_
_database_2.database_id 
_database_2.database_code 
_database_2.pdbx_database_accession 
_database_2.pdbx_DOI 
PDB   465D         pdb_0000465d 10.2210/pdb465d/pdb 
NDB   DD0015       ?            ?                   
RCSB  RCSB001347   ?            ?                   
WWPDB D_1000001347 ?            ?                   
# 
loop_
_pdbx_audit_revision_history.ordinal 
_pdbx_audit_revision_history.data_content_type 
_pdbx_audit_revision_history.major_revision 
_pdbx_audit_revision_history.minor_revision 
_pdbx_audit_revision_history.revision_date 
1 'Structure model' 1 0 1999-08-25 
2 'Structure model' 1 1 2008-04-26 
3 'Structure model' 1 2 2011-07-13 
4 'Structure model' 1 3 2018-02-14 
5 'Structure model' 1 4 2023-12-27 
6 'Structure model' 1 5 2024-04-03 
# 
_pdbx_audit_revision_details.ordinal             1 
_pdbx_audit_revision_details.revision_ordinal    1 
_pdbx_audit_revision_details.data_content_type   'Structure model' 
_pdbx_audit_revision_details.provider            repository 
_pdbx_audit_revision_details.type                'Initial release' 
_pdbx_audit_revision_details.description         ? 
_pdbx_audit_revision_details.details             ? 
# 
loop_
_pdbx_audit_revision_group.ordinal 
_pdbx_audit_revision_group.revision_ordinal 
_pdbx_audit_revision_group.data_content_type 
_pdbx_audit_revision_group.group 
1 2 'Structure model' 'Version format compliance' 
2 3 'Structure model' 'Version format compliance' 
3 4 'Structure model' 'Experimental preparation'  
4 5 'Structure model' 'Data collection'           
5 5 'Structure model' 'Database references'       
6 5 'Structure model' 'Derived calculations'      
7 6 'Structure model' 'Refinement description'    
# 
loop_
_pdbx_audit_revision_category.ordinal 
_pdbx_audit_revision_category.revision_ordinal 
_pdbx_audit_revision_category.data_content_type 
_pdbx_audit_revision_category.category 
1 4 'Structure model' exptl_crystal_grow            
2 5 'Structure model' chem_comp_atom                
3 5 'Structure model' chem_comp_bond                
4 5 'Structure model' database_2                    
5 5 'Structure model' struct_site                   
6 6 'Structure model' pdbx_initial_refinement_model 
# 
loop_
_pdbx_audit_revision_item.ordinal 
_pdbx_audit_revision_item.revision_ordinal 
_pdbx_audit_revision_item.data_content_type 
_pdbx_audit_revision_item.item 
1 4 'Structure model' '_exptl_crystal_grow.pdbx_details'    
2 4 'Structure model' '_exptl_crystal_grow.temp'            
3 5 'Structure model' '_database_2.pdbx_DOI'                
4 5 'Structure model' '_database_2.pdbx_database_accession' 
5 5 'Structure model' '_struct_site.pdbx_auth_asym_id'      
6 5 'Structure model' '_struct_site.pdbx_auth_comp_id'      
7 5 'Structure model' '_struct_site.pdbx_auth_seq_id'       
# 
_pdbx_database_status.status_code                     REL 
_pdbx_database_status.entry_id                        465D 
_pdbx_database_status.recvd_initial_deposition_date   1999-04-14 
_pdbx_database_status.deposit_site                    NDB 
_pdbx_database_status.process_site                    NDB 
_pdbx_database_status.SG_entry                        . 
_pdbx_database_status.pdb_format_compatible           Y 
_pdbx_database_status.status_code_mr                  ? 
_pdbx_database_status.status_code_sf                  ? 
_pdbx_database_status.status_code_cs                  ? 
_pdbx_database_status.methods_development_category    ? 
_pdbx_database_status.status_code_nmr_data            ? 
# 
loop_
_audit_author.name 
_audit_author.pdbx_ordinal 
'Adams, A.'     1 
'Guss, J.M.'    2 
'Collyer, C.A.' 3 
'Denny, W.A.'   4 
'Wakelin, L.P.' 5 
# 
_citation.id                        primary 
_citation.title                     
;Crystal structure of the topoisomerase II poison 9-amino-[N-(2-dimethylamino)ethyl]acridine-4-carboxamide bound to the DNA hexanucleotide d(CGTACG)2.
;
_citation.journal_abbrev            Biochemistry 
_citation.journal_volume            38 
_citation.page_first                9221 
_citation.page_last                 9233 
_citation.year                      1999 
_citation.journal_id_ASTM           BICHAW 
_citation.country                   US 
_citation.journal_id_ISSN           0006-2960 
_citation.journal_id_CSD            0033 
_citation.book_publisher            ? 
_citation.pdbx_database_id_PubMed   10413496 
_citation.pdbx_database_id_DOI      10.1021/bi990352m 
# 
loop_
_citation_author.citation_id 
_citation_author.name 
_citation_author.ordinal 
_citation_author.identifier_ORCID 
primary 'Adams, A.'     1 ? 
primary 'Guss, J.M.'    2 ? 
primary 'Collyer, C.A.' 3 ? 
primary 'Denny, W.A.'   4 ? 
primary 'Wakelin, L.P.' 5 ? 
# 
loop_
_entity.id 
_entity.type 
_entity.src_method 
_entity.pdbx_description 
_entity.formula_weight 
_entity.pdbx_number_of_molecules 
_entity.pdbx_ec 
_entity.pdbx_mutation 
_entity.pdbx_fragment 
_entity.details 
1 polymer     syn 
;DNA (5'-D(*CP*GP*TP*AP*CP*G)-3')
;
1809.217 1  ? ? ? ? 
2 non-polymer syn '9-AMINO-(N-(2-DIMETHYLAMINO)ETHYL)ACRIDINE-4-CARBOXAMIDE' 308.378  2  ? ? ? ? 
3 water       nat water                                                      18.015   29 ? ? ? ? 
# 
_entity_poly.entity_id                      1 
_entity_poly.type                           polydeoxyribonucleotide 
_entity_poly.nstd_linkage                   no 
_entity_poly.nstd_monomer                   no 
_entity_poly.pdbx_seq_one_letter_code       '(DC)(DG)(DT)(DA)(DC)(DG)' 
_entity_poly.pdbx_seq_one_letter_code_can   CGTACG 
_entity_poly.pdbx_strand_id                 A 
_entity_poly.pdbx_target_identifier         ? 
# 
loop_
_pdbx_entity_nonpoly.entity_id 
_pdbx_entity_nonpoly.name 
_pdbx_entity_nonpoly.comp_id 
2 '9-AMINO-(N-(2-DIMETHYLAMINO)ETHYL)ACRIDINE-4-CARBOXAMIDE' 9AD 
3 water                                                      HOH 
# 
loop_
_entity_poly_seq.entity_id 
_entity_poly_seq.num 
_entity_poly_seq.mon_id 
_entity_poly_seq.hetero 
1 1 DC n 
1 2 DG n 
1 3 DT n 
1 4 DA n 
1 5 DC n 
1 6 DG n 
# 
loop_
_chem_comp.id 
_chem_comp.type 
_chem_comp.mon_nstd_flag 
_chem_comp.name 
_chem_comp.pdbx_synonyms 
_chem_comp.formula 
_chem_comp.formula_weight 
9AD non-polymer   . '9-AMINO-(N-(2-DIMETHYLAMINO)ETHYL)ACRIDINE-4-CARBOXAMIDE' ? 'C18 H20 N4 O'    308.378 
DA  'DNA linking' y "2'-DEOXYADENOSINE-5'-MONOPHOSPHATE"                       ? 'C10 H14 N5 O6 P' 331.222 
DC  'DNA linking' y "2'-DEOXYCYTIDINE-5'-MONOPHOSPHATE"                        ? 'C9 H14 N3 O7 P'  307.197 
DG  'DNA linking' y "2'-DEOXYGUANOSINE-5'-MONOPHOSPHATE"                       ? 'C10 H14 N5 O7 P' 347.221 
DT  'DNA linking' y "THYMIDINE-5'-MONOPHOSPHATE"                               ? 'C10 H15 N2 O8 P' 322.208 
HOH non-polymer   . WATER                                                      ? 'H2 O'            18.015  
# 
loop_
_pdbx_poly_seq_scheme.asym_id 
_pdbx_poly_seq_scheme.entity_id 
_pdbx_poly_seq_scheme.seq_id 
_pdbx_poly_seq_scheme.mon_id 
_pdbx_poly_seq_scheme.ndb_seq_num 
_pdbx_poly_seq_scheme.pdb_seq_num 
_pdbx_poly_seq_scheme.auth_seq_num 
_pdbx_poly_seq_scheme.pdb_mon_id 
_pdbx_poly_seq_scheme.auth_mon_id 
_pdbx_poly_seq_scheme.pdb_strand_id 
_pdbx_poly_seq_scheme.pdb_ins_code 
_pdbx_poly_seq_scheme.hetero 
A 1 1 DC 1 1001 1001 DC C A . n 
A 1 2 DG 2 1002 1002 DG G A . n 
A 1 3 DT 3 1003 1003 DT T A . n 
A 1 4 DA 4 1004 1004 DA A A . n 
A 1 5 DC 5 1005 1005 DC C A . n 
A 1 6 DG 6 1006 1006 DG G A . n 
# 
loop_
_pdbx_nonpoly_scheme.asym_id 
_pdbx_nonpoly_scheme.entity_id 
_pdbx_nonpoly_scheme.mon_id 
_pdbx_nonpoly_scheme.ndb_seq_num 
_pdbx_nonpoly_scheme.pdb_seq_num 
_pdbx_nonpoly_scheme.auth_seq_num 
_pdbx_nonpoly_scheme.pdb_mon_id 
_pdbx_nonpoly_scheme.auth_mon_id 
_pdbx_nonpoly_scheme.pdb_strand_id 
_pdbx_nonpoly_scheme.pdb_ins_code 
B 2 9AD 1  3014 3014 9AD 9AD A . 
C 2 9AD 1  3015 3015 9AD 9AD A . 
D 3 HOH 1  4001 4001 HOH HOH A . 
D 3 HOH 2  4002 4002 HOH HOH A . 
D 3 HOH 3  4003 4003 HOH HOH A . 
D 3 HOH 4  4004 4004 HOH HOH A . 
D 3 HOH 5  4005 4005 HOH HOH A . 
D 3 HOH 6  4006 4006 HOH HOH A . 
D 3 HOH 7  4007 4007 HOH HOH A . 
D 3 HOH 8  4008 4008 HOH HOH A . 
D 3 HOH 9  4009 4009 HOH HOH A . 
D 3 HOH 10 4010 4010 HOH HOH A . 
D 3 HOH 11 4011 4011 HOH HOH A . 
D 3 HOH 12 4012 4012 HOH HOH A . 
D 3 HOH 13 4013 4013 HOH HOH A . 
D 3 HOH 14 4014 4014 HOH HOH A . 
D 3 HOH 15 4015 4015 HOH HOH A . 
D 3 HOH 16 4016 4016 HOH HOH A . 
D 3 HOH 17 4017 4017 HOH HOH A . 
D 3 HOH 18 4018 4018 HOH HOH A . 
D 3 HOH 19 4019 4019 HOH HOH A . 
D 3 HOH 20 4020 4020 HOH HOH A . 
D 3 HOH 21 4021 4021 HOH HOH A . 
D 3 HOH 22 4022 4022 HOH HOH A . 
D 3 HOH 23 4023 4023 HOH HOH A . 
D 3 HOH 24 4024 4024 HOH HOH A . 
D 3 HOH 25 4025 4025 HOH HOH A . 
D 3 HOH 26 4026 4026 HOH HOH A . 
D 3 HOH 27 4027 4027 HOH HOH A . 
D 3 HOH 28 4028 4028 HOH HOH A . 
D 3 HOH 29 4029 4029 HOH HOH A . 
# 
loop_
_software.name 
_software.classification 
_software.version 
_software.citation_id 
_software.pdbx_ordinal 
_software.date 
_software.type 
_software.location 
_software.language 
SHELXS    phasing          . ? 1 ? ? ? ? 
SHELXL-97 refinement       . ? 2 ? ? ? ? 
DENZO     'data reduction' . ? 3 ? ? ? ? 
SCALEPACK 'data scaling'   . ? 4 ? ? ? ? 
# 
_cell.entry_id           465D 
_cell.length_a           30.161 
_cell.length_b           30.161 
_cell.length_c           39.692 
_cell.angle_alpha        90.00 
_cell.angle_beta         90.00 
_cell.angle_gamma        120.00 
_cell.Z_PDB              6 
_cell.pdbx_unique_axis   ? 
# 
_symmetry.entry_id                         465D 
_symmetry.space_group_name_H-M             'P 64' 
_symmetry.pdbx_full_space_group_name_H-M   ? 
_symmetry.cell_setting                     hexagonal 
_symmetry.Int_Tables_number                172 
# 
_exptl.entry_id          465D 
_exptl.method            'X-RAY DIFFRACTION' 
_exptl.crystals_number   1 
# 
_exptl_crystal.id                    1 
_exptl_crystal.density_meas          ? 
_exptl_crystal.density_percent_sol   55.41 
_exptl_crystal.density_Matthews      2.76 
_exptl_crystal.description           ? 
_exptl_crystal.preparation           ? 
# 
_exptl_crystal_grow.crystal_id      1 
_exptl_crystal_grow.method          'VAPOR DIFFUSION, SITTING DROP' 
_exptl_crystal_grow.temp            285 
_exptl_crystal_grow.temp_details    ? 
_exptl_crystal_grow.pH              6.5 
_exptl_crystal_grow.pdbx_details    
;0.5 MM DNA, 20 MM SODIUM CACODYLATE BUFFER, PH 6.5, 4 MM MAGNESIUM ACETATE, 1 MM COBALT(II) CHLORIDE, 0.33 MM SPERMINE.4HCL, 1 MM 9-AMINO-[N-(2- DIMETHYLAMINO)ETHYL]ACRIDINE-4-CARBOXAMIDE AND 9% MPD EQUILIBRATED AGAINST 1 ML OF A SOLUTION OF 45% MPD IN WATER, VAPOR DIFFUSION, SITTING DROP, temperature 285K
;
_exptl_crystal_grow.pdbx_pH_range   ? 
# 
loop_
_exptl_crystal_grow_comp.crystal_id 
_exptl_crystal_grow_comp.id 
_exptl_crystal_grow_comp.sol_id 
_exptl_crystal_grow_comp.name 
_exptl_crystal_grow_comp.volume 
_exptl_crystal_grow_comp.conc 
_exptl_crystal_grow_comp.details 
1 1 1 'SODIUM CACODYLATE' ? ? ? 
1 2 1 'MAGNESIUM ACETATE' ? ? ? 
1 3 1 COCL2               ? ? ? 
1 4 1 SPERMINE            ? ? ? 
1 5 1 MPD                 ? ? ? 
1 6 2 MPD                 ? ? ? 
# 
_diffrn.id                     1 
_diffrn.ambient_temp           110 
_diffrn.ambient_temp_details   ? 
_diffrn.crystal_id             1 
# 
_diffrn_detector.diffrn_id              1 
_diffrn_detector.detector               'IMAGE PLATE' 
_diffrn_detector.type                   'RIGAKU RAXIS II' 
_diffrn_detector.pdbx_collection_date   1997-12-12 
_diffrn_detector.details                'FOCUSING MIRROR' 
# 
_diffrn_radiation.diffrn_id                        1 
_diffrn_radiation.wavelength_id                    1 
_diffrn_radiation.pdbx_monochromatic_or_laue_m_l   M 
_diffrn_radiation.monochromator                    ? 
_diffrn_radiation.pdbx_diffrn_protocol             'SINGLE WAVELENGTH' 
_diffrn_radiation.pdbx_scattering_type             x-ray 
# 
_diffrn_radiation_wavelength.id           1 
_diffrn_radiation_wavelength.wavelength   1.5418 
_diffrn_radiation_wavelength.wt           1.0 
# 
_diffrn_source.diffrn_id                   1 
_diffrn_source.source                      'ROTATING ANODE' 
_diffrn_source.type                        'RIGAKU RU200' 
_diffrn_source.pdbx_synchrotron_site       ? 
_diffrn_source.pdbx_synchrotron_beamline   ? 
_diffrn_source.pdbx_wavelength             1.5418 
_diffrn_source.pdbx_wavelength_list        ? 
# 
_reflns.entry_id                     465D 
_reflns.observed_criterion_sigma_I   0.0 
_reflns.observed_criterion_sigma_F   ? 
_reflns.d_resolution_low             30.0 
_reflns.d_resolution_high            1.6 
_reflns.number_obs                   2763 
_reflns.number_all                   2763 
_reflns.percent_possible_obs         98.4 
_reflns.pdbx_Rmerge_I_obs            0.0290000 
_reflns.pdbx_Rsym_value              ? 
_reflns.pdbx_netI_over_sigmaI        56.8 
_reflns.B_iso_Wilson_estimate        ? 
_reflns.pdbx_redundancy              24.7 
_reflns.R_free_details               ? 
_reflns.pdbx_diffrn_id               1 
_reflns.pdbx_ordinal                 1 
# 
_reflns_shell.d_res_high             1.60 
_reflns_shell.d_res_low              1.66 
_reflns_shell.percent_possible_all   97.0 
_reflns_shell.Rmerge_I_obs           0.1420000 
_reflns_shell.pdbx_Rsym_value        ? 
_reflns_shell.meanI_over_sigI_obs    5.0 
_reflns_shell.pdbx_redundancy        5.3 
_reflns_shell.percent_possible_obs   ? 
_reflns_shell.number_unique_all      ? 
_reflns_shell.pdbx_diffrn_id         ? 
_reflns_shell.pdbx_ordinal           1 
# 
_refine.entry_id                                 465D 
_refine.ls_number_reflns_obs                     2705 
_refine.ls_number_reflns_all                     2705 
_refine.pdbx_ls_sigma_I                          ? 
_refine.pdbx_ls_sigma_F                          0.0 
_refine.pdbx_data_cutoff_high_absF               ? 
_refine.pdbx_data_cutoff_low_absF                ? 
_refine.pdbx_data_cutoff_high_rms_absF           ? 
_refine.ls_d_res_low                             16.0 
_refine.ls_d_res_high                            1.6 
_refine.ls_percent_reflns_obs                    98.5 
_refine.ls_R_factor_obs                          0.1945000 
_refine.ls_R_factor_all                          0.1958000 
_refine.ls_R_factor_R_work                       0.1934000 
_refine.ls_R_factor_R_free                       0.2560000 
_refine.ls_R_factor_R_free_error                 ? 
_refine.ls_R_factor_R_free_error_details         ? 
_refine.ls_percent_reflns_R_free                 8.3 
_refine.ls_number_reflns_R_free                  225 
_refine.ls_number_parameters                     791 
_refine.ls_number_restraints                     999 
_refine.occupancy_min                            ? 
_refine.occupancy_max                            ? 
_refine.B_iso_mean                               ? 
_refine.aniso_B[1][1]                            ? 
_refine.aniso_B[2][2]                            ? 
_refine.aniso_B[3][3]                            ? 
_refine.aniso_B[1][2]                            ? 
_refine.aniso_B[1][3]                            ? 
_refine.aniso_B[2][3]                            ? 
_refine.solvent_model_details                    'MOEWS & KRETSINGER,J.MOL.BIOL.91(1973)201-228' 
_refine.solvent_model_param_ksol                 ? 
_refine.solvent_model_param_bsol                 ? 
_refine.pdbx_ls_cross_valid_method               THROUGHOUT 
_refine.details                                  ? 
_refine.pdbx_starting_model                      DDF073 
_refine.pdbx_method_to_determine_struct          'ISOMORPHOUS REPLACEMENT' 
_refine.pdbx_isotropic_thermal_model             ? 
_refine.pdbx_stereochemistry_target_values       ? 
_refine.pdbx_stereochem_target_val_spec_case     ? 
_refine.pdbx_R_Free_selection_details            RANDOM 
_refine.pdbx_overall_ESU_R                       ? 
_refine.pdbx_overall_ESU_R_Free                  ? 
_refine.overall_SU_ML                            ? 
_refine.overall_SU_B                             ? 
_refine.ls_redundancy_reflns_obs                 ? 
_refine.correlation_coeff_Fo_to_Fc               ? 
_refine.correlation_coeff_Fo_to_Fc_free          ? 
_refine.overall_SU_R_Cruickshank_DPI             ? 
_refine.overall_SU_R_free                        ? 
_refine.pdbx_refine_id                           'X-RAY DIFFRACTION' 
_refine.pdbx_diffrn_id                           1 
_refine.pdbx_TLS_residual_ADP_flag               ? 
_refine.pdbx_solvent_vdw_probe_radii             ? 
_refine.pdbx_solvent_ion_probe_radii             ? 
_refine.pdbx_solvent_shrinkage_radii             ? 
_refine.pdbx_overall_phase_error                 ? 
_refine.pdbx_overall_SU_R_free_Cruickshank_DPI   ? 
_refine.pdbx_overall_SU_R_Blow_DPI               ? 
_refine.pdbx_overall_SU_R_free_Blow_DPI          ? 
# 
_refine_analyze.entry_id                        465D 
_refine_analyze.Luzzati_coordinate_error_obs    ? 
_refine_analyze.Luzzati_sigma_a_obs             ? 
_refine_analyze.Luzzati_d_res_low_obs           ? 
_refine_analyze.Luzzati_coordinate_error_free   ? 
_refine_analyze.Luzzati_sigma_a_free            ? 
_refine_analyze.Luzzati_d_res_low_free          ? 
_refine_analyze.number_disordered_residues      1 
_refine_analyze.occupancy_sum_hydrogen          ? 
_refine_analyze.occupancy_sum_non_hydrogen      182.5 
_refine_analyze.pdbx_refine_id                  'X-RAY DIFFRACTION' 
# 
_refine_hist.pdbx_refine_id                   'X-RAY DIFFRACTION' 
_refine_hist.cycle_id                         LAST 
_refine_hist.pdbx_number_atoms_protein        0 
_refine_hist.pdbx_number_atoms_nucleic_acid   120 
_refine_hist.pdbx_number_atoms_ligand         46 
_refine_hist.number_atoms_solvent             29 
_refine_hist.number_atoms_total               195 
_refine_hist.d_res_high                       1.6 
_refine_hist.d_res_low                        16.0 
# 
loop_
_refine_ls_restr.type 
_refine_ls_restr.dev_ideal 
_refine_ls_restr.dev_ideal_target 
_refine_ls_restr.weight 
_refine_ls_restr.number 
_refine_ls_restr.pdbx_refine_id 
_refine_ls_restr.pdbx_restraint_function 
s_bond_d               0.010 ? ? ? 'X-RAY DIFFRACTION' ? 
s_angle_d              0.021 ? ? ? 'X-RAY DIFFRACTION' ? 
s_similar_dist         0.038 ? ? ? 'X-RAY DIFFRACTION' ? 
s_from_restr_planes    0.023 ? ? ? 'X-RAY DIFFRACTION' ? 
s_zero_chiral_vol      ?     ? ? ? 'X-RAY DIFFRACTION' ? 
s_non_zero_chiral_vol  ?     ? ? ? 'X-RAY DIFFRACTION' ? 
s_anti_bump_dis_restr  ?     ? ? ? 'X-RAY DIFFRACTION' ? 
s_rigid_bond_adp_cmpnt ?     ? ? ? 'X-RAY DIFFRACTION' ? 
s_similar_adp_cmpnt    ?     ? ? ? 'X-RAY DIFFRACTION' ? 
s_approx_iso_adps      ?     ? ? ? 'X-RAY DIFFRACTION' ? 
# 
_pdbx_refine.entry_id                                    465D 
_pdbx_refine.R_factor_all_no_cutoff                      ? 
_pdbx_refine.R_factor_obs_no_cutoff                      ? 
_pdbx_refine.free_R_factor_no_cutoff                     ? 
_pdbx_refine.free_R_val_test_set_size_perc_no_cutoff     ? 
_pdbx_refine.free_R_val_test_set_ct_no_cutoff            ? 
_pdbx_refine.R_factor_all_4sig_cutoff                    0.1945000 
_pdbx_refine.R_factor_obs_4sig_cutoff                    0.1923000 
_pdbx_refine.free_R_factor_4sig_cutoff                   0.2535000 
_pdbx_refine.free_R_val_test_set_size_perc_4sig_cutoff   8.2 
_pdbx_refine.free_R_val_test_set_ct_4sig_cutoff          219 
_pdbx_refine.number_reflns_obs_4sig_cutoff               2664 
_pdbx_refine.number_reflns_obs_no_cutoff                 ? 
_pdbx_refine.pdbx_refine_id                              'X-RAY DIFFRACTION' 
_pdbx_refine.free_R_error_no_cutoff                      ? 
# 
_struct.entry_id                  465D 
_struct.title                     'STRUCTURE OF THE TOPOISOMERASE II POISON BOUND TO DNA' 
_struct.pdbx_model_details        ? 
_struct.pdbx_CASP_flag            ? 
_struct.pdbx_model_type_details   ? 
# 
_struct_keywords.entry_id        465D 
_struct_keywords.pdbx_keywords   DNA 
_struct_keywords.text            'TOPOISOMERASE II POISON, HEXANUCLEOTIDE, D(CGTACG)2, 9-AMINO-DACA, DNA' 
# 
loop_
_struct_asym.id 
_struct_asym.pdbx_blank_PDB_chainid_flag 
_struct_asym.pdbx_modified 
_struct_asym.entity_id 
_struct_asym.details 
A N N 1 ? 
B N N 2 ? 
C N N 2 ? 
D N N 3 ? 
# 
_struct_ref.id                         1 
_struct_ref.entity_id                  1 
_struct_ref.db_name                    PDB 
_struct_ref.db_code                    465D 
_struct_ref.pdbx_db_accession          465D 
_struct_ref.pdbx_db_isoform            ? 
_struct_ref.pdbx_seq_one_letter_code   ? 
_struct_ref.pdbx_align_begin           ? 
# 
_struct_ref_seq.align_id                      1 
_struct_ref_seq.ref_id                        1 
_struct_ref_seq.pdbx_PDB_id_code              465D 
_struct_ref_seq.pdbx_strand_id                A 
_struct_ref_seq.seq_align_beg                 1 
_struct_ref_seq.pdbx_seq_align_beg_ins_code   ? 
_struct_ref_seq.seq_align_end                 6 
_struct_ref_seq.pdbx_seq_align_end_ins_code   ? 
_struct_ref_seq.pdbx_db_accession             465D 
_struct_ref_seq.db_align_beg                  1001 
_struct_ref_seq.pdbx_db_align_beg_ins_code    ? 
_struct_ref_seq.db_align_end                  1006 
_struct_ref_seq.pdbx_db_align_end_ins_code    ? 
_struct_ref_seq.pdbx_auth_seq_align_beg       1001 
_struct_ref_seq.pdbx_auth_seq_align_end       1006 
# 
_pdbx_struct_assembly.id                   1 
_pdbx_struct_assembly.details              author_defined_assembly 
_pdbx_struct_assembly.method_details       ? 
_pdbx_struct_assembly.oligomeric_details   dimeric 
_pdbx_struct_assembly.oligomeric_count     2 
# 
_pdbx_struct_assembly_gen.assembly_id       1 
_pdbx_struct_assembly_gen.oper_expression   1,2 
_pdbx_struct_assembly_gen.asym_id_list      A,B,C,D 
# 
loop_
_pdbx_struct_oper_list.id 
_pdbx_struct_oper_list.type 
_pdbx_struct_oper_list.name 
_pdbx_struct_oper_list.symmetry_operation 
_pdbx_struct_oper_list.matrix[1][1] 
_pdbx_struct_oper_list.matrix[1][2] 
_pdbx_struct_oper_list.matrix[1][3] 
_pdbx_struct_oper_list.vector[1] 
_pdbx_struct_oper_list.matrix[2][1] 
_pdbx_struct_oper_list.matrix[2][2] 
_pdbx_struct_oper_list.matrix[2][3] 
_pdbx_struct_oper_list.vector[2] 
_pdbx_struct_oper_list.matrix[3][1] 
_pdbx_struct_oper_list.matrix[3][2] 
_pdbx_struct_oper_list.matrix[3][3] 
_pdbx_struct_oper_list.vector[3] 
1 'identity operation'         1_555 x,y,z     1.0000000000  0.0000000000  0.0000000000 0.0000000000 0.0000000000  1.0000000000  0.0000000000  0.0000000000 0.0000000000 0.0000000000  1.0000000000  0.0000000000  
2 'crystal symmetry operation' 4_655 -x+1,-y,z -0.6400013101 -0.4947378052 0.5879054577 4.4202548350 -0.4947378052 -0.3200933704 -0.8079447619 0.7300980236 0.5879054577 -0.8079447619 -0.0399053195 -2.0923072576 
# 
loop_
_struct_conn.id 
_struct_conn.conn_type_id 
_struct_conn.pdbx_leaving_atom_flag 
_struct_conn.pdbx_PDB_id 
_struct_conn.ptnr1_label_asym_id 
_struct_conn.ptnr1_label_comp_id 
_struct_conn.ptnr1_label_seq_id 
_struct_conn.ptnr1_label_atom_id 
_struct_conn.pdbx_ptnr1_label_alt_id 
_struct_conn.pdbx_ptnr1_PDB_ins_code 
_struct_conn.pdbx_ptnr1_standard_comp_id 
_struct_conn.ptnr1_symmetry 
_struct_conn.ptnr2_label_asym_id 
_struct_conn.ptnr2_label_comp_id 
_struct_conn.ptnr2_label_seq_id 
_struct_conn.ptnr2_label_atom_id 
_struct_conn.pdbx_ptnr2_label_alt_id 
_struct_conn.pdbx_ptnr2_PDB_ins_code 
_struct_conn.ptnr1_auth_asym_id 
_struct_conn.ptnr1_auth_comp_id 
_struct_conn.ptnr1_auth_seq_id 
_struct_conn.ptnr2_auth_asym_id 
_struct_conn.ptnr2_auth_comp_id 
_struct_conn.ptnr2_auth_seq_id 
_struct_conn.ptnr2_symmetry 
_struct_conn.pdbx_ptnr3_label_atom_id 
_struct_conn.pdbx_ptnr3_label_seq_id 
_struct_conn.pdbx_ptnr3_label_comp_id 
_struct_conn.pdbx_ptnr3_label_asym_id 
_struct_conn.pdbx_ptnr3_label_alt_id 
_struct_conn.pdbx_ptnr3_PDB_ins_code 
_struct_conn.details 
_struct_conn.pdbx_dist_value 
_struct_conn.pdbx_value_order 
_struct_conn.pdbx_role 
hydrog1  hydrog ? ? A DC 1 N3 ? ? ? 1_555 A DG 6 N1 ? ? A DC 1001 A DG 1006 4_655 ? ? ? ? ? ? WATSON-CRICK ? ? ? 
hydrog2  hydrog ? ? A DC 1 N4 ? ? ? 1_555 A DG 6 O6 ? ? A DC 1001 A DG 1006 4_655 ? ? ? ? ? ? WATSON-CRICK ? ? ? 
hydrog3  hydrog ? ? A DC 1 O2 ? ? ? 1_555 A DG 6 N2 ? ? A DC 1001 A DG 1006 4_655 ? ? ? ? ? ? WATSON-CRICK ? ? ? 
hydrog4  hydrog ? ? A DG 2 N1 ? ? ? 1_555 A DC 5 N3 ? ? A DG 1002 A DC 1005 4_655 ? ? ? ? ? ? WATSON-CRICK ? ? ? 
hydrog5  hydrog ? ? A DG 2 N2 ? ? ? 1_555 A DC 5 O2 ? ? A DG 1002 A DC 1005 4_655 ? ? ? ? ? ? WATSON-CRICK ? ? ? 
hydrog6  hydrog ? ? A DG 2 O6 ? ? ? 1_555 A DC 5 N4 ? ? A DG 1002 A DC 1005 4_655 ? ? ? ? ? ? WATSON-CRICK ? ? ? 
hydrog7  hydrog ? ? A DT 3 N3 ? ? ? 1_555 A DA 4 N1 ? ? A DT 1003 A DA 1004 4_655 ? ? ? ? ? ? WATSON-CRICK ? ? ? 
hydrog8  hydrog ? ? A DT 3 O4 ? ? ? 1_555 A DA 4 N6 ? ? A DT 1003 A DA 1004 4_655 ? ? ? ? ? ? WATSON-CRICK ? ? ? 
hydrog9  hydrog ? ? A DA 4 N1 ? ? ? 1_555 A DT 3 N3 ? ? A DA 1004 A DT 1003 4_655 ? ? ? ? ? ? WATSON-CRICK ? ? ? 
hydrog10 hydrog ? ? A DA 4 N6 ? ? ? 1_555 A DT 3 O4 ? ? A DA 1004 A DT 1003 4_655 ? ? ? ? ? ? WATSON-CRICK ? ? ? 
hydrog11 hydrog ? ? A DC 5 N3 ? ? ? 1_555 A DG 2 N1 ? ? A DC 1005 A DG 1002 4_655 ? ? ? ? ? ? WATSON-CRICK ? ? ? 
hydrog12 hydrog ? ? A DC 5 N4 ? ? ? 1_555 A DG 2 O6 ? ? A DC 1005 A DG 1002 4_655 ? ? ? ? ? ? WATSON-CRICK ? ? ? 
hydrog13 hydrog ? ? A DC 5 O2 ? ? ? 1_555 A DG 2 N2 ? ? A DC 1005 A DG 1002 4_655 ? ? ? ? ? ? WATSON-CRICK ? ? ? 
hydrog14 hydrog ? ? A DG 6 N1 ? ? ? 1_555 A DC 1 N3 ? ? A DG 1006 A DC 1001 4_655 ? ? ? ? ? ? WATSON-CRICK ? ? ? 
hydrog15 hydrog ? ? A DG 6 N2 ? ? ? 1_555 A DC 1 O2 ? ? A DG 1006 A DC 1001 4_655 ? ? ? ? ? ? WATSON-CRICK ? ? ? 
hydrog16 hydrog ? ? A DG 6 O6 ? ? ? 1_555 A DC 1 N4 ? ? A DG 1006 A DC 1001 4_655 ? ? ? ? ? ? WATSON-CRICK ? ? ? 
# 
_struct_conn_type.id          hydrog 
_struct_conn_type.criteria    ? 
_struct_conn_type.reference   ? 
# 
loop_
_struct_site.id 
_struct_site.pdbx_evidence_code 
_struct_site.pdbx_auth_asym_id 
_struct_site.pdbx_auth_comp_id 
_struct_site.pdbx_auth_seq_id 
_struct_site.pdbx_auth_ins_code 
_struct_site.pdbx_num_residues 
_struct_site.details 
AC1 Software A 9AD 3014 ? 9 'BINDING SITE FOR RESIDUE 9AD A 3014' 
AC2 Software A 9AD 3015 ? 8 'BINDING SITE FOR RESIDUE 9AD A 3015' 
1   ?        ? ?   ?    ? ? ?                                     
# 
loop_
_struct_site_gen.id 
_struct_site_gen.site_id 
_struct_site_gen.pdbx_num_res 
_struct_site_gen.label_comp_id 
_struct_site_gen.label_asym_id 
_struct_site_gen.label_seq_id 
_struct_site_gen.pdbx_auth_ins_code 
_struct_site_gen.auth_comp_id 
_struct_site_gen.auth_asym_id 
_struct_site_gen.auth_seq_id 
_struct_site_gen.label_atom_id 
_struct_site_gen.label_alt_id 
_struct_site_gen.symmetry 
_struct_site_gen.details 
1  AC1 9 DC  A 1 ? DC  A 1001 . ? 1_555 ? 
2  AC1 9 DG  A 2 ? DG  A 1002 . ? 1_555 ? 
3  AC1 9 DG  A 2 ? DG  A 1002 . ? 3_664 ? 
4  AC1 9 DA  A 4 ? DA  A 1004 . ? 2_655 ? 
5  AC1 9 DC  A 5 ? DC  A 1005 . ? 4_655 ? 
6  AC1 9 DG  A 6 ? DG  A 1006 . ? 4_655 ? 
7  AC1 9 9AD C . ? 9AD A 3015 . ? 4_655 ? 
8  AC1 9 HOH D . ? HOH A 4010 . ? 1_555 ? 
9  AC1 9 HOH D . ? HOH A 4024 . ? 1_555 ? 
10 AC2 8 DC  A 1 ? DC  A 1001 . ? 1_445 ? 
11 AC2 8 DC  A 1 ? DC  A 1001 . ? 4_655 ? 
12 AC2 8 DG  A 6 ? DG  A 1006 . ? 4_545 ? 
13 AC2 8 DG  A 6 ? DG  A 1006 . ? 1_555 ? 
14 AC2 8 9AD B . ? 9AD A 3014 . ? 4_655 ? 
15 AC2 8 HOH D . ? HOH A 4012 . ? 1_555 ? 
16 AC2 8 HOH D . ? HOH A 4015 . ? 4_545 ? 
17 AC2 8 HOH D . ? HOH A 4015 . ? 1_555 ? 
# 
loop_
_pdbx_validate_rmsd_bond.id 
_pdbx_validate_rmsd_bond.PDB_model_num 
_pdbx_validate_rmsd_bond.auth_atom_id_1 
_pdbx_validate_rmsd_bond.auth_asym_id_1 
_pdbx_validate_rmsd_bond.auth_comp_id_1 
_pdbx_validate_rmsd_bond.auth_seq_id_1 
_pdbx_validate_rmsd_bond.PDB_ins_code_1 
_pdbx_validate_rmsd_bond.label_alt_id_1 
_pdbx_validate_rmsd_bond.auth_atom_id_2 
_pdbx_validate_rmsd_bond.auth_asym_id_2 
_pdbx_validate_rmsd_bond.auth_comp_id_2 
_pdbx_validate_rmsd_bond.auth_seq_id_2 
_pdbx_validate_rmsd_bond.PDB_ins_code_2 
_pdbx_validate_rmsd_bond.label_alt_id_2 
_pdbx_validate_rmsd_bond.bond_value 
_pdbx_validate_rmsd_bond.bond_target_value 
_pdbx_validate_rmsd_bond.bond_deviation 
_pdbx_validate_rmsd_bond.bond_standard_deviation 
_pdbx_validate_rmsd_bond.linker_flag 
1  1 "C4'" A DC 1001 ? ? "C3'" A DC 1001 ? ? 1.609 1.529 0.080 0.010 N 
2  1 "C2'" A DC 1001 ? ? "C1'" A DC 1001 ? ? 1.583 1.519 0.064 0.010 N 
3  1 "O4'" A DC 1001 ? ? "C1'" A DC 1001 ? ? 1.541 1.420 0.121 0.011 N 
4  1 "C4'" A DG 1002 ? ? "C3'" A DG 1002 ? ? 1.621 1.529 0.092 0.010 N 
5  1 "C2'" A DG 1002 ? ? "C1'" A DG 1002 ? ? 1.601 1.519 0.082 0.010 N 
6  1 "O4'" A DG 1002 ? ? "C1'" A DG 1002 ? ? 1.521 1.420 0.101 0.011 N 
7  1 "O3'" A DG 1002 ? ? P     A DT 1003 ? ? 1.680 1.607 0.073 0.012 Y 
8  1 "C5'" A DT 1003 ? ? "C4'" A DT 1003 ? ? 1.564 1.512 0.052 0.007 N 
9  1 "C4'" A DT 1003 ? ? "C3'" A DT 1003 ? ? 1.617 1.529 0.088 0.010 N 
10 1 "C2'" A DT 1003 ? ? "C1'" A DT 1003 ? ? 1.610 1.519 0.091 0.010 N 
11 1 "O4'" A DT 1003 ? ? "C1'" A DT 1003 ? ? 1.543 1.420 0.123 0.011 N 
12 1 "C4'" A DA 1004 ? ? "C3'" A DA 1004 ? ? 1.596 1.529 0.067 0.010 N 
13 1 "C2'" A DA 1004 ? ? "C1'" A DA 1004 ? ? 1.587 1.519 0.068 0.010 N 
14 1 "O4'" A DA 1004 ? ? "C1'" A DA 1004 ? ? 1.540 1.420 0.120 0.011 N 
15 1 "C4'" A DC 1005 ? ? "C3'" A DC 1005 ? ? 1.615 1.529 0.086 0.010 N 
16 1 "C2'" A DC 1005 ? ? "C1'" A DC 1005 ? ? 1.604 1.519 0.085 0.010 N 
17 1 "O4'" A DC 1005 ? ? "C1'" A DC 1005 ? ? 1.491 1.420 0.071 0.011 N 
18 1 "C5'" A DG 1006 ? ? "C4'" A DG 1006 ? ? 1.560 1.512 0.048 0.007 N 
19 1 "C4'" A DG 1006 ? ? "C3'" A DG 1006 ? ? 1.619 1.529 0.090 0.010 N 
20 1 "C2'" A DG 1006 ? ? "C1'" A DG 1006 ? ? 1.598 1.519 0.079 0.010 N 
21 1 "O4'" A DG 1006 ? ? "C1'" A DG 1006 ? ? 1.512 1.420 0.092 0.011 N 
# 
loop_
_pdbx_validate_rmsd_angle.id 
_pdbx_validate_rmsd_angle.PDB_model_num 
_pdbx_validate_rmsd_angle.auth_atom_id_1 
_pdbx_validate_rmsd_angle.auth_asym_id_1 
_pdbx_validate_rmsd_angle.auth_comp_id_1 
_pdbx_validate_rmsd_angle.auth_seq_id_1 
_pdbx_validate_rmsd_angle.PDB_ins_code_1 
_pdbx_validate_rmsd_angle.label_alt_id_1 
_pdbx_validate_rmsd_angle.auth_atom_id_2 
_pdbx_validate_rmsd_angle.auth_asym_id_2 
_pdbx_validate_rmsd_angle.auth_comp_id_2 
_pdbx_validate_rmsd_angle.auth_seq_id_2 
_pdbx_validate_rmsd_angle.PDB_ins_code_2 
_pdbx_validate_rmsd_angle.label_alt_id_2 
_pdbx_validate_rmsd_angle.auth_atom_id_3 
_pdbx_validate_rmsd_angle.auth_asym_id_3 
_pdbx_validate_rmsd_angle.auth_comp_id_3 
_pdbx_validate_rmsd_angle.auth_seq_id_3 
_pdbx_validate_rmsd_angle.PDB_ins_code_3 
_pdbx_validate_rmsd_angle.label_alt_id_3 
_pdbx_validate_rmsd_angle.angle_value 
_pdbx_validate_rmsd_angle.angle_target_value 
_pdbx_validate_rmsd_angle.angle_deviation 
_pdbx_validate_rmsd_angle.angle_standard_deviation 
_pdbx_validate_rmsd_angle.linker_flag 
1  1 N1    A DC 1001 ? ? "C1'" A DC 1001 ? ? "C2'" A DC 1001 ? ? 125.27 114.30 10.97  1.40 N 
2  1 "O5'" A DG 1002 ? ? "C5'" A DG 1002 ? ? "C4'" A DG 1002 ? ? 101.87 109.40 -7.53  0.80 N 
3  1 P     A DG 1002 ? ? "O5'" A DG 1002 ? ? "C5'" A DG 1002 ? ? 110.66 120.90 -10.24 1.60 N 
4  1 "O4'" A DG 1002 ? ? "C1'" A DG 1002 ? ? "C2'" A DG 1002 ? ? 99.88  105.90 -6.02  0.80 N 
5  1 "O4'" A DG 1002 ? ? "C1'" A DG 1002 ? ? N9    A DG 1002 ? ? 98.62  108.00 -9.38  0.70 N 
6  1 C6    A DG 1002 ? ? N1    A DG 1002 ? ? C2    A DG 1002 ? ? 120.48 125.10 -4.62  0.60 N 
7  1 C5    A DG 1002 ? ? C6    A DG 1002 ? ? O6    A DG 1002 ? ? 124.24 128.60 -4.36  0.60 N 
8  1 "O5'" A DT 1003 ? ? "C5'" A DT 1003 ? ? "C4'" A DT 1003 ? ? 99.49  109.40 -9.91  0.80 N 
9  1 "O4'" A DT 1003 ? ? "C1'" A DT 1003 ? ? "C2'" A DT 1003 ? ? 97.02  105.90 -8.88  0.80 N 
10 1 "C3'" A DT 1003 ? ? "O3'" A DT 1003 ? ? P     A DA 1004 ? ? 126.98 119.70 7.28   1.20 Y 
11 1 "O5'" A DA 1004 ? ? "C5'" A DA 1004 ? ? "C4'" A DA 1004 ? ? 104.36 109.40 -5.04  0.80 N 
12 1 "O4'" A DA 1004 ? ? "C1'" A DA 1004 ? ? "C2'" A DA 1004 ? ? 100.35 105.90 -5.55  0.80 N 
13 1 "O4'" A DA 1004 ? ? "C1'" A DA 1004 ? ? N9    A DA 1004 ? ? 96.37  108.00 -11.63 0.70 N 
14 1 "O4'" A DC 1005 ? ? "C1'" A DC 1005 ? ? "C2'" A DC 1005 ? ? 100.53 105.90 -5.37  0.80 N 
15 1 "O4'" A DC 1005 ? ? "C1'" A DC 1005 ? ? N1    A DC 1005 ? ? 114.04 108.30 5.74   0.30 N 
16 1 C6    A DC 1005 ? ? N1    A DC 1005 ? ? C2    A DC 1005 ? ? 122.91 120.30 2.61   0.40 N 
17 1 "O5'" A DG 1006 ? ? "C5'" A DG 1006 ? ? "C4'" A DG 1006 ? ? 101.07 109.40 -8.33  0.80 N 
18 1 P     A DG 1006 ? ? "O5'" A DG 1006 ? ? "C5'" A DG 1006 ? ? 109.98 120.90 -10.92 1.60 N 
19 1 "O4'" A DG 1006 ? ? "C1'" A DG 1006 ? ? "C2'" A DG 1006 ? ? 101.04 105.90 -4.86  0.80 N 
20 1 "O4'" A DG 1006 ? ? "C1'" A DG 1006 ? ? N9    A DG 1006 ? ? 99.88  108.00 -8.12  0.70 N 
21 1 N9    A DG 1006 ? ? C4    A DG 1006 ? ? C5    A DG 1006 ? ? 102.96 105.40 -2.44  0.40 N 
22 1 C5    A DG 1006 ? ? C6    A DG 1006 ? ? O6    A DG 1006 ? ? 123.49 128.60 -5.11  0.60 N 
# 
_struct_site_keywords.site_id   1 
_struct_site_keywords.text      INTERCALATION 
# 
loop_
_pdbx_struct_special_symmetry.id 
_pdbx_struct_special_symmetry.PDB_model_num 
_pdbx_struct_special_symmetry.auth_asym_id 
_pdbx_struct_special_symmetry.auth_comp_id 
_pdbx_struct_special_symmetry.auth_seq_id 
_pdbx_struct_special_symmetry.PDB_ins_code 
_pdbx_struct_special_symmetry.label_asym_id 
_pdbx_struct_special_symmetry.label_comp_id 
_pdbx_struct_special_symmetry.label_seq_id 
1 1 A HOH 4025 ? D HOH . 
2 1 A HOH 4029 ? D HOH . 
# 
loop_
_chem_comp_atom.comp_id 
_chem_comp_atom.atom_id 
_chem_comp_atom.type_symbol 
_chem_comp_atom.pdbx_aromatic_flag 
_chem_comp_atom.pdbx_stereo_config 
_chem_comp_atom.pdbx_ordinal 
9AD C1     C Y N 1   
9AD C2     C Y N 2   
9AD C3     C Y N 3   
9AD C4     C Y N 4   
9AD C5     C Y N 5   
9AD C6     C Y N 6   
9AD C7     C Y N 7   
9AD C8     C Y N 8   
9AD C9     C Y N 9   
9AD N10    N Y N 10  
9AD C11    C Y N 11  
9AD C12    C Y N 12  
9AD C13    C Y N 13  
9AD C14    C Y N 14  
9AD N9     N N N 15  
9AD CD1    C N N 16  
9AD OD1    O N N 17  
9AD ND1    N N N 18  
9AD ND2    N N N 19  
9AD CD2    C N N 20  
9AD CD3    C N N 21  
9AD CD7    C N N 22  
9AD CD8    C N N 23  
9AD H1     H N N 24  
9AD H2     H N N 25  
9AD H3     H N N 26  
9AD H5     H N N 27  
9AD H6     H N N 28  
9AD H7     H N N 29  
9AD H8     H N N 30  
9AD H9A    H N N 31  
9AD H9B    H N N 32  
9AD HD1    H N N 33  
9AD HD21   H N N 34  
9AD HD22   H N N 35  
9AD HD31   H N N 36  
9AD HD32   H N N 37  
9AD HD71   H N N 38  
9AD HD72   H N N 39  
9AD HD73   H N N 40  
9AD HD81   H N N 41  
9AD HD82   H N N 42  
9AD HD83   H N N 43  
DA  OP3    O N N 44  
DA  P      P N N 45  
DA  OP1    O N N 46  
DA  OP2    O N N 47  
DA  "O5'"  O N N 48  
DA  "C5'"  C N N 49  
DA  "C4'"  C N R 50  
DA  "O4'"  O N N 51  
DA  "C3'"  C N S 52  
DA  "O3'"  O N N 53  
DA  "C2'"  C N N 54  
DA  "C1'"  C N R 55  
DA  N9     N Y N 56  
DA  C8     C Y N 57  
DA  N7     N Y N 58  
DA  C5     C Y N 59  
DA  C6     C Y N 60  
DA  N6     N N N 61  
DA  N1     N Y N 62  
DA  C2     C Y N 63  
DA  N3     N Y N 64  
DA  C4     C Y N 65  
DA  HOP3   H N N 66  
DA  HOP2   H N N 67  
DA  "H5'"  H N N 68  
DA  "H5''" H N N 69  
DA  "H4'"  H N N 70  
DA  "H3'"  H N N 71  
DA  "HO3'" H N N 72  
DA  "H2'"  H N N 73  
DA  "H2''" H N N 74  
DA  "H1'"  H N N 75  
DA  H8     H N N 76  
DA  H61    H N N 77  
DA  H62    H N N 78  
DA  H2     H N N 79  
DC  OP3    O N N 80  
DC  P      P N N 81  
DC  OP1    O N N 82  
DC  OP2    O N N 83  
DC  "O5'"  O N N 84  
DC  "C5'"  C N N 85  
DC  "C4'"  C N R 86  
DC  "O4'"  O N N 87  
DC  "C3'"  C N S 88  
DC  "O3'"  O N N 89  
DC  "C2'"  C N N 90  
DC  "C1'"  C N R 91  
DC  N1     N N N 92  
DC  C2     C N N 93  
DC  O2     O N N 94  
DC  N3     N N N 95  
DC  C4     C N N 96  
DC  N4     N N N 97  
DC  C5     C N N 98  
DC  C6     C N N 99  
DC  HOP3   H N N 100 
DC  HOP2   H N N 101 
DC  "H5'"  H N N 102 
DC  "H5''" H N N 103 
DC  "H4'"  H N N 104 
DC  "H3'"  H N N 105 
DC  "HO3'" H N N 106 
DC  "H2'"  H N N 107 
DC  "H2''" H N N 108 
DC  "H1'"  H N N 109 
DC  H41    H N N 110 
DC  H42    H N N 111 
DC  H5     H N N 112 
DC  H6     H N N 113 
DG  OP3    O N N 114 
DG  P      P N N 115 
DG  OP1    O N N 116 
DG  OP2    O N N 117 
DG  "O5'"  O N N 118 
DG  "C5'"  C N N 119 
DG  "C4'"  C N R 120 
DG  "O4'"  O N N 121 
DG  "C3'"  C N S 122 
DG  "O3'"  O N N 123 
DG  "C2'"  C N N 124 
DG  "C1'"  C N R 125 
DG  N9     N Y N 126 
DG  C8     C Y N 127 
DG  N7     N Y N 128 
DG  C5     C Y N 129 
DG  C6     C N N 130 
DG  O6     O N N 131 
DG  N1     N N N 132 
DG  C2     C N N 133 
DG  N2     N N N 134 
DG  N3     N N N 135 
DG  C4     C Y N 136 
DG  HOP3   H N N 137 
DG  HOP2   H N N 138 
DG  "H5'"  H N N 139 
DG  "H5''" H N N 140 
DG  "H4'"  H N N 141 
DG  "H3'"  H N N 142 
DG  "HO3'" H N N 143 
DG  "H2'"  H N N 144 
DG  "H2''" H N N 145 
DG  "H1'"  H N N 146 
DG  H8     H N N 147 
DG  H1     H N N 148 
DG  H21    H N N 149 
DG  H22    H N N 150 
DT  OP3    O N N 151 
DT  P      P N N 152 
DT  OP1    O N N 153 
DT  OP2    O N N 154 
DT  "O5'"  O N N 155 
DT  "C5'"  C N N 156 
DT  "C4'"  C N R 157 
DT  "O4'"  O N N 158 
DT  "C3'"  C N S 159 
DT  "O3'"  O N N 160 
DT  "C2'"  C N N 161 
DT  "C1'"  C N R 162 
DT  N1     N N N 163 
DT  C2     C N N 164 
DT  O2     O N N 165 
DT  N3     N N N 166 
DT  C4     C N N 167 
DT  O4     O N N 168 
DT  C5     C N N 169 
DT  C7     C N N 170 
DT  C6     C N N 171 
DT  HOP3   H N N 172 
DT  HOP2   H N N 173 
DT  "H5'"  H N N 174 
DT  "H5''" H N N 175 
DT  "H4'"  H N N 176 
DT  "H3'"  H N N 177 
DT  "HO3'" H N N 178 
DT  "H2'"  H N N 179 
DT  "H2''" H N N 180 
DT  "H1'"  H N N 181 
DT  H3     H N N 182 
DT  H71    H N N 183 
DT  H72    H N N 184 
DT  H73    H N N 185 
DT  H6     H N N 186 
HOH O      O N N 187 
HOH H1     H N N 188 
HOH H2     H N N 189 
# 
loop_
_chem_comp_bond.comp_id 
_chem_comp_bond.atom_id_1 
_chem_comp_bond.atom_id_2 
_chem_comp_bond.value_order 
_chem_comp_bond.pdbx_aromatic_flag 
_chem_comp_bond.pdbx_stereo_config 
_chem_comp_bond.pdbx_ordinal 
9AD C1    C2     doub Y N 1   
9AD C1    C11    sing Y N 2   
9AD C1    H1     sing N N 3   
9AD C2    C3     sing Y N 4   
9AD C2    H2     sing N N 5   
9AD C3    C4     doub Y N 6   
9AD C3    H3     sing N N 7   
9AD C4    C12    sing Y N 8   
9AD C4    CD1    sing N N 9   
9AD C5    C6     doub Y N 10  
9AD C5    C14    sing Y N 11  
9AD C5    H5     sing N N 12  
9AD C6    C7     sing Y N 13  
9AD C6    H6     sing N N 14  
9AD C7    C8     doub Y N 15  
9AD C7    H7     sing N N 16  
9AD C8    C13    sing Y N 17  
9AD C8    H8     sing N N 18  
9AD C9    C11    doub Y N 19  
9AD C9    C13    sing Y N 20  
9AD C9    N9     sing N N 21  
9AD N10   C12    doub Y N 22  
9AD N10   C14    sing Y N 23  
9AD C11   C12    sing Y N 24  
9AD C13   C14    doub Y N 25  
9AD N9    H9A    sing N N 26  
9AD N9    H9B    sing N N 27  
9AD CD1   OD1    doub N N 28  
9AD CD1   ND1    sing N N 29  
9AD ND1   CD2    sing N N 30  
9AD ND1   HD1    sing N N 31  
9AD ND2   CD3    sing N N 32  
9AD ND2   CD7    sing N N 33  
9AD ND2   CD8    sing N N 34  
9AD CD2   CD3    sing N N 35  
9AD CD2   HD21   sing N N 36  
9AD CD2   HD22   sing N N 37  
9AD CD3   HD31   sing N N 38  
9AD CD3   HD32   sing N N 39  
9AD CD7   HD71   sing N N 40  
9AD CD7   HD72   sing N N 41  
9AD CD7   HD73   sing N N 42  
9AD CD8   HD81   sing N N 43  
9AD CD8   HD82   sing N N 44  
9AD CD8   HD83   sing N N 45  
DA  OP3   P      sing N N 46  
DA  OP3   HOP3   sing N N 47  
DA  P     OP1    doub N N 48  
DA  P     OP2    sing N N 49  
DA  P     "O5'"  sing N N 50  
DA  OP2   HOP2   sing N N 51  
DA  "O5'" "C5'"  sing N N 52  
DA  "C5'" "C4'"  sing N N 53  
DA  "C5'" "H5'"  sing N N 54  
DA  "C5'" "H5''" sing N N 55  
DA  "C4'" "O4'"  sing N N 56  
DA  "C4'" "C3'"  sing N N 57  
DA  "C4'" "H4'"  sing N N 58  
DA  "O4'" "C1'"  sing N N 59  
DA  "C3'" "O3'"  sing N N 60  
DA  "C3'" "C2'"  sing N N 61  
DA  "C3'" "H3'"  sing N N 62  
DA  "O3'" "HO3'" sing N N 63  
DA  "C2'" "C1'"  sing N N 64  
DA  "C2'" "H2'"  sing N N 65  
DA  "C2'" "H2''" sing N N 66  
DA  "C1'" N9     sing N N 67  
DA  "C1'" "H1'"  sing N N 68  
DA  N9    C8     sing Y N 69  
DA  N9    C4     sing Y N 70  
DA  C8    N7     doub Y N 71  
DA  C8    H8     sing N N 72  
DA  N7    C5     sing Y N 73  
DA  C5    C6     sing Y N 74  
DA  C5    C4     doub Y N 75  
DA  C6    N6     sing N N 76  
DA  C6    N1     doub Y N 77  
DA  N6    H61    sing N N 78  
DA  N6    H62    sing N N 79  
DA  N1    C2     sing Y N 80  
DA  C2    N3     doub Y N 81  
DA  C2    H2     sing N N 82  
DA  N3    C4     sing Y N 83  
DC  OP3   P      sing N N 84  
DC  OP3   HOP3   sing N N 85  
DC  P     OP1    doub N N 86  
DC  P     OP2    sing N N 87  
DC  P     "O5'"  sing N N 88  
DC  OP2   HOP2   sing N N 89  
DC  "O5'" "C5'"  sing N N 90  
DC  "C5'" "C4'"  sing N N 91  
DC  "C5'" "H5'"  sing N N 92  
DC  "C5'" "H5''" sing N N 93  
DC  "C4'" "O4'"  sing N N 94  
DC  "C4'" "C3'"  sing N N 95  
DC  "C4'" "H4'"  sing N N 96  
DC  "O4'" "C1'"  sing N N 97  
DC  "C3'" "O3'"  sing N N 98  
DC  "C3'" "C2'"  sing N N 99  
DC  "C3'" "H3'"  sing N N 100 
DC  "O3'" "HO3'" sing N N 101 
DC  "C2'" "C1'"  sing N N 102 
DC  "C2'" "H2'"  sing N N 103 
DC  "C2'" "H2''" sing N N 104 
DC  "C1'" N1     sing N N 105 
DC  "C1'" "H1'"  sing N N 106 
DC  N1    C2     sing N N 107 
DC  N1    C6     sing N N 108 
DC  C2    O2     doub N N 109 
DC  C2    N3     sing N N 110 
DC  N3    C4     doub N N 111 
DC  C4    N4     sing N N 112 
DC  C4    C5     sing N N 113 
DC  N4    H41    sing N N 114 
DC  N4    H42    sing N N 115 
DC  C5    C6     doub N N 116 
DC  C5    H5     sing N N 117 
DC  C6    H6     sing N N 118 
DG  OP3   P      sing N N 119 
DG  OP3   HOP3   sing N N 120 
DG  P     OP1    doub N N 121 
DG  P     OP2    sing N N 122 
DG  P     "O5'"  sing N N 123 
DG  OP2   HOP2   sing N N 124 
DG  "O5'" "C5'"  sing N N 125 
DG  "C5'" "C4'"  sing N N 126 
DG  "C5'" "H5'"  sing N N 127 
DG  "C5'" "H5''" sing N N 128 
DG  "C4'" "O4'"  sing N N 129 
DG  "C4'" "C3'"  sing N N 130 
DG  "C4'" "H4'"  sing N N 131 
DG  "O4'" "C1'"  sing N N 132 
DG  "C3'" "O3'"  sing N N 133 
DG  "C3'" "C2'"  sing N N 134 
DG  "C3'" "H3'"  sing N N 135 
DG  "O3'" "HO3'" sing N N 136 
DG  "C2'" "C1'"  sing N N 137 
DG  "C2'" "H2'"  sing N N 138 
DG  "C2'" "H2''" sing N N 139 
DG  "C1'" N9     sing N N 140 
DG  "C1'" "H1'"  sing N N 141 
DG  N9    C8     sing Y N 142 
DG  N9    C4     sing Y N 143 
DG  C8    N7     doub Y N 144 
DG  C8    H8     sing N N 145 
DG  N7    C5     sing Y N 146 
DG  C5    C6     sing N N 147 
DG  C5    C4     doub Y N 148 
DG  C6    O6     doub N N 149 
DG  C6    N1     sing N N 150 
DG  N1    C2     sing N N 151 
DG  N1    H1     sing N N 152 
DG  C2    N2     sing N N 153 
DG  C2    N3     doub N N 154 
DG  N2    H21    sing N N 155 
DG  N2    H22    sing N N 156 
DG  N3    C4     sing N N 157 
DT  OP3   P      sing N N 158 
DT  OP3   HOP3   sing N N 159 
DT  P     OP1    doub N N 160 
DT  P     OP2    sing N N 161 
DT  P     "O5'"  sing N N 162 
DT  OP2   HOP2   sing N N 163 
DT  "O5'" "C5'"  sing N N 164 
DT  "C5'" "C4'"  sing N N 165 
DT  "C5'" "H5'"  sing N N 166 
DT  "C5'" "H5''" sing N N 167 
DT  "C4'" "O4'"  sing N N 168 
DT  "C4'" "C3'"  sing N N 169 
DT  "C4'" "H4'"  sing N N 170 
DT  "O4'" "C1'"  sing N N 171 
DT  "C3'" "O3'"  sing N N 172 
DT  "C3'" "C2'"  sing N N 173 
DT  "C3'" "H3'"  sing N N 174 
DT  "O3'" "HO3'" sing N N 175 
DT  "C2'" "C1'"  sing N N 176 
DT  "C2'" "H2'"  sing N N 177 
DT  "C2'" "H2''" sing N N 178 
DT  "C1'" N1     sing N N 179 
DT  "C1'" "H1'"  sing N N 180 
DT  N1    C2     sing N N 181 
DT  N1    C6     sing N N 182 
DT  C2    O2     doub N N 183 
DT  C2    N3     sing N N 184 
DT  N3    C4     sing N N 185 
DT  N3    H3     sing N N 186 
DT  C4    O4     doub N N 187 
DT  C4    C5     sing N N 188 
DT  C5    C7     sing N N 189 
DT  C5    C6     doub N N 190 
DT  C7    H71    sing N N 191 
DT  C7    H72    sing N N 192 
DT  C7    H73    sing N N 193 
DT  C6    H6     sing N N 194 
HOH O     H1     sing N N 195 
HOH O     H2     sing N N 196 
# 
_ndb_struct_conf_na.entry_id   465D 
_ndb_struct_conf_na.feature    'b-form double helix' 
# 
loop_
_ndb_struct_na_base_pair.model_number 
_ndb_struct_na_base_pair.i_label_asym_id 
_ndb_struct_na_base_pair.i_label_comp_id 
_ndb_struct_na_base_pair.i_label_seq_id 
_ndb_struct_na_base_pair.i_symmetry 
_ndb_struct_na_base_pair.j_label_asym_id 
_ndb_struct_na_base_pair.j_label_comp_id 
_ndb_struct_na_base_pair.j_label_seq_id 
_ndb_struct_na_base_pair.j_symmetry 
_ndb_struct_na_base_pair.shear 
_ndb_struct_na_base_pair.stretch 
_ndb_struct_na_base_pair.stagger 
_ndb_struct_na_base_pair.buckle 
_ndb_struct_na_base_pair.propeller 
_ndb_struct_na_base_pair.opening 
_ndb_struct_na_base_pair.pair_number 
_ndb_struct_na_base_pair.pair_name 
_ndb_struct_na_base_pair.i_auth_asym_id 
_ndb_struct_na_base_pair.i_auth_seq_id 
_ndb_struct_na_base_pair.i_PDB_ins_code 
_ndb_struct_na_base_pair.j_auth_asym_id 
_ndb_struct_na_base_pair.j_auth_seq_id 
_ndb_struct_na_base_pair.j_PDB_ins_code 
_ndb_struct_na_base_pair.hbond_type_28 
_ndb_struct_na_base_pair.hbond_type_12 
1 A DC 1 1_555 A DG 6 4_655 0.154  -0.179 0.036  3.104  -12.077 -2.542 1 A_DC1001:DG1006_A A 1001 ? A 1006 ? 19 1 
1 A DG 2 1_555 A DC 5 4_655 -0.292 -0.186 0.034  -7.436 -4.798  -2.352 2 A_DG1002:DC1005_A A 1002 ? A 1005 ? 19 1 
1 A DT 3 1_555 A DA 4 4_655 0.025  -0.217 -0.029 2.145  -10.633 -2.730 3 A_DT1003:DA1004_A A 1003 ? A 1004 ? 20 1 
1 A DA 4 1_555 A DT 3 4_655 -0.025 -0.217 -0.029 -2.145 -10.633 -2.730 4 A_DA1004:DT1003_A A 1004 ? A 1003 ? 20 1 
1 A DC 5 1_555 A DG 2 4_655 0.292  -0.186 0.034  7.435  -4.798  -2.352 5 A_DC1005:DG1002_A A 1005 ? A 1002 ? 19 1 
1 A DG 6 1_555 A DC 1 4_655 -0.154 -0.179 0.036  -3.104 -12.077 -2.542 6 A_DG1006:DC1001_A A 1006 ? A 1001 ? 19 1 
# 
loop_
_ndb_struct_na_base_pair_step.model_number 
_ndb_struct_na_base_pair_step.i_label_asym_id_1 
_ndb_struct_na_base_pair_step.i_label_comp_id_1 
_ndb_struct_na_base_pair_step.i_label_seq_id_1 
_ndb_struct_na_base_pair_step.i_symmetry_1 
_ndb_struct_na_base_pair_step.j_label_asym_id_1 
_ndb_struct_na_base_pair_step.j_label_comp_id_1 
_ndb_struct_na_base_pair_step.j_label_seq_id_1 
_ndb_struct_na_base_pair_step.j_symmetry_1 
_ndb_struct_na_base_pair_step.i_label_asym_id_2 
_ndb_struct_na_base_pair_step.i_label_comp_id_2 
_ndb_struct_na_base_pair_step.i_label_seq_id_2 
_ndb_struct_na_base_pair_step.i_symmetry_2 
_ndb_struct_na_base_pair_step.j_label_asym_id_2 
_ndb_struct_na_base_pair_step.j_label_comp_id_2 
_ndb_struct_na_base_pair_step.j_label_seq_id_2 
_ndb_struct_na_base_pair_step.j_symmetry_2 
_ndb_struct_na_base_pair_step.shift 
_ndb_struct_na_base_pair_step.slide 
_ndb_struct_na_base_pair_step.rise 
_ndb_struct_na_base_pair_step.tilt 
_ndb_struct_na_base_pair_step.roll 
_ndb_struct_na_base_pair_step.twist 
_ndb_struct_na_base_pair_step.x_displacement 
_ndb_struct_na_base_pair_step.y_displacement 
_ndb_struct_na_base_pair_step.helical_rise 
_ndb_struct_na_base_pair_step.inclination 
_ndb_struct_na_base_pair_step.tip 
_ndb_struct_na_base_pair_step.helical_twist 
_ndb_struct_na_base_pair_step.step_number 
_ndb_struct_na_base_pair_step.step_name 
_ndb_struct_na_base_pair_step.i_auth_asym_id_1 
_ndb_struct_na_base_pair_step.i_auth_seq_id_1 
_ndb_struct_na_base_pair_step.i_PDB_ins_code_1 
_ndb_struct_na_base_pair_step.j_auth_asym_id_1 
_ndb_struct_na_base_pair_step.j_auth_seq_id_1 
_ndb_struct_na_base_pair_step.j_PDB_ins_code_1 
_ndb_struct_na_base_pair_step.i_auth_asym_id_2 
_ndb_struct_na_base_pair_step.i_auth_seq_id_2 
_ndb_struct_na_base_pair_step.i_PDB_ins_code_2 
_ndb_struct_na_base_pair_step.j_auth_asym_id_2 
_ndb_struct_na_base_pair_step.j_auth_seq_id_2 
_ndb_struct_na_base_pair_step.j_PDB_ins_code_2 
1 A DC 1 1_555 A DG 6 4_655 A DG 2 1_555 A DC 5 4_655 0.353  0.430 6.899 -0.624 3.709  22.970 -1.634 -1.330 6.870 9.233  1.553  
23.272 1 AA_DC1001DG1002:DC1005DG1006_AA A 1001 ? A 1006 ? A 1002 ? A 1005 ? 
1 A DG 2 1_555 A DC 5 4_655 A DT 3 1_555 A DA 4 4_655 -0.587 0.025 3.173 0.847  1.714  29.149 -0.310 1.341  3.151 3.401  -1.681 
29.210 2 AA_DG1002DT1003:DA1004DC1005_AA A 1002 ? A 1005 ? A 1003 ? A 1004 ? 
1 A DT 3 1_555 A DA 4 4_655 A DA 4 1_555 A DT 3 4_655 0.000  1.610 3.240 0.000  -1.812 47.590 2.137  0.000  3.181 -2.245 0.000  
47.622 3 AA_DT1003DA1004:DT1003DA1004_AA A 1003 ? A 1004 ? A 1004 ? A 1003 ? 
1 A DA 4 1_555 A DT 3 4_655 A DC 5 1_555 A DG 2 4_655 0.587  0.025 3.173 -0.847 1.714  29.149 -0.310 -1.341 3.151 3.400  1.681  
29.210 4 AA_DA1004DC1005:DG1002DT1003_AA A 1004 ? A 1003 ? A 1005 ? A 1002 ? 
1 A DC 5 1_555 A DG 2 4_655 A DG 6 1_555 A DC 1 4_655 -0.353 0.430 6.899 0.624  3.709  22.970 -1.634 1.330  6.870 9.233  -1.553 
23.272 5 AA_DC1005DG1006:DC1001DG1002_AA A 1005 ? A 1002 ? A 1006 ? A 1001 ? 
# 
_pdbx_initial_refinement_model.accession_code   366D 
_pdbx_initial_refinement_model.id               1 
_pdbx_initial_refinement_model.entity_id_list   ? 
_pdbx_initial_refinement_model.type             'experimental model' 
_pdbx_initial_refinement_model.source_name      PDB 
_pdbx_initial_refinement_model.details          DDF073 
# 
_atom_sites.entry_id                    465D 
_atom_sites.fract_transf_matrix[1][1]   0.02048194 
_atom_sites.fract_transf_matrix[1][2]   -0.01745461 
_atom_sites.fract_transf_matrix[1][3]   -0.02723044 
_atom_sites.fract_transf_matrix[2][1]   -0.01398244 
_atom_sites.fract_transf_matrix[2][2]   -0.03102291 
_atom_sites.fract_transf_matrix[2][3]   -0.01754457 
_atom_sites.fract_transf_matrix[3][1]   -0.01068889 
_atom_sites.fract_transf_matrix[3][2]   0.01468949 
_atom_sites.fract_transf_matrix[3][3]   -0.01745578 
_atom_sites.fract_transf_vector[1]      0.432611 
_atom_sites.fract_transf_vector[2]      0.023874 
_atom_sites.fract_transf_vector[3]      0.477595 
# 
loop_
_atom_type.symbol 
C 
N 
O 
P 
# 
loop_
_atom_site.group_PDB 
_atom_site.id 
_atom_site.type_symbol 
_atom_site.label_atom_id 
_atom_site.label_alt_id 
_atom_site.label_comp_id 
_atom_site.label_asym_id 
_atom_site.label_entity_id 
_atom_site.label_seq_id 
_atom_site.pdbx_PDB_ins_code 
_atom_site.Cartn_x 
_atom_site.Cartn_y 
_atom_site.Cartn_z 
_atom_site.occupancy 
_atom_site.B_iso_or_equiv 
_atom_site.pdbx_formal_charge 
_atom_site.auth_seq_id 
_atom_site.auth_comp_id 
_atom_site.auth_asym_id 
_atom_site.auth_atom_id 
_atom_site.pdbx_PDB_model_num 
ATOM   1   O "O5'" . DC  A 1 1 ? -0.873 -3.668  -14.598 1.00 17.39 ? 1001 DC  A "O5'" 1 
ATOM   2   C "C5'" . DC  A 1 1 ? -2.106 -4.400  -14.787 1.00 17.91 ? 1001 DC  A "C5'" 1 
ATOM   3   C "C4'" . DC  A 1 1 ? -2.307 -5.245  -13.518 1.00 14.48 ? 1001 DC  A "C4'" 1 
ATOM   4   O "O4'" . DC  A 1 1 ? -1.276 -6.209  -13.230 1.00 18.40 ? 1001 DC  A "O4'" 1 
ATOM   5   C "C3'" . DC  A 1 1 ? -2.402 -4.317  -12.207 1.00 22.63 ? 1001 DC  A "C3'" 1 
ATOM   6   O "O3'" . DC  A 1 1 ? -3.879 -4.043  -12.101 1.00 21.32 ? 1001 DC  A "O3'" 1 
ATOM   7   C "C2'" . DC  A 1 1 ? -2.111 -5.410  -11.090 1.00 23.78 ? 1001 DC  A "C2'" 1 
ATOM   8   C "C1'" . DC  A 1 1 ? -0.975 -6.313  -11.722 1.00 28.84 ? 1001 DC  A "C1'" 1 
ATOM   9   N N1    . DC  A 1 1 ? 0.407  -6.098  -11.577 1.00 20.16 ? 1001 DC  A N1    1 
ATOM   10  C C2    . DC  A 1 1 ? 1.093  -6.936  -10.734 1.00 16.37 ? 1001 DC  A C2    1 
ATOM   11  O O2    . DC  A 1 1 ? 0.413  -7.825  -10.154 1.00 22.63 ? 1001 DC  A O2    1 
ATOM   12  N N3    . DC  A 1 1 ? 2.430  -6.758  -10.573 1.00 15.78 ? 1001 DC  A N3    1 
ATOM   13  C C4    . DC  A 1 1 ? 3.047  -5.769  -11.243 1.00 17.94 ? 1001 DC  A C4    1 
ATOM   14  N N4    . DC  A 1 1 ? 4.357  -5.589  -11.091 1.00 16.69 ? 1001 DC  A N4    1 
ATOM   15  C C5    . DC  A 1 1 ? 2.335  -4.897  -12.127 1.00 15.57 ? 1001 DC  A C5    1 
ATOM   16  C C6    . DC  A 1 1 ? 1.014  -5.093  -12.270 1.00 17.72 ? 1001 DC  A C6    1 
ATOM   17  P P     . DG  A 1 2 ? -4.254 -2.685  -11.219 1.00 23.54 ? 1002 DG  A P     1 
ATOM   18  O OP1   . DG  A 1 2 ? -5.751 -2.406  -11.469 1.00 25.00 ? 1002 DG  A OP1   1 
ATOM   19  O OP2   . DG  A 1 2 ? -3.296 -1.578  -11.526 1.00 21.73 ? 1002 DG  A OP2   1 
ATOM   20  O "O5'" . DG  A 1 2 ? -4.050 -3.363  -9.762  1.00 21.29 ? 1002 DG  A "O5'" 1 
ATOM   21  C "C5'" . DG  A 1 2 ? -4.485 -2.450  -8.701  1.00 22.69 ? 1002 DG  A "C5'" 1 
ATOM   22  C "C4'" . DG  A 1 2 ? -4.386 -3.349  -7.447  1.00 27.31 ? 1002 DG  A "C4'" 1 
ATOM   23  O "O4'" . DG  A 1 2 ? -3.007 -3.598  -7.091  1.00 28.59 ? 1002 DG  A "O4'" 1 
ATOM   24  C "C3'" . DG  A 1 2 ? -5.036 -2.610  -6.159  1.00 27.72 ? 1002 DG  A "C3'" 1 
ATOM   25  O "O3'" . DG  A 1 2 ? -5.359 -3.792  -5.298  1.00 26.23 ? 1002 DG  A "O3'" 1 
ATOM   26  C "C2'" . DG  A 1 2 ? -3.756 -1.940  -5.540  1.00 25.07 ? 1002 DG  A "C2'" 1 
ATOM   27  C "C1'" . DG  A 1 2 ? -2.596 -3.026  -5.743  1.00 30.93 ? 1002 DG  A "C1'" 1 
ATOM   28  N N9    . DG  A 1 2 ? -1.261 -2.344  -6.176  1.00 20.03 ? 1002 DG  A N9    1 
ATOM   29  C C8    . DG  A 1 2 ? -0.966 -1.416  -7.119  1.00 19.52 ? 1002 DG  A C8    1 
ATOM   30  N N7    . DG  A 1 2 ? 0.305  -1.094  -7.173  1.00 24.15 ? 1002 DG  A N7    1 
ATOM   31  C C5    . DG  A 1 2 ? 0.894  -1.878  -6.180  1.00 19.37 ? 1002 DG  A C5    1 
ATOM   32  C C6    . DG  A 1 2 ? 2.236  -1.950  -5.787  1.00 15.80 ? 1002 DG  A C6    1 
ATOM   33  O O6    . DG  A 1 2 ? 3.139  -1.295  -6.293  1.00 18.90 ? 1002 DG  A O6    1 
ATOM   34  N N1    . DG  A 1 2 ? 2.475  -2.851  -4.751  1.00 14.03 ? 1002 DG  A N1    1 
ATOM   35  C C2    . DG  A 1 2 ? 1.429  -3.583  -4.196  1.00 20.23 ? 1002 DG  A C2    1 
ATOM   36  N N2    . DG  A 1 2 ? 1.732  -4.424  -3.206  1.00 20.10 ? 1002 DG  A N2    1 
ATOM   37  N N3    . DG  A 1 2 ? 0.136  -3.527  -4.558  1.00 19.21 ? 1002 DG  A N3    1 
ATOM   38  C C4    . DG  A 1 2 ? -0.062 -2.657  -5.554  1.00 21.01 ? 1002 DG  A C4    1 
ATOM   39  P P     . DT  A 1 3 ? -6.273 -3.482  -3.923  1.00 29.49 ? 1003 DT  A P     1 
ATOM   40  O OP1   . DT  A 1 3 ? -7.179 -4.667  -3.727  1.00 35.24 ? 1003 DT  A OP1   1 
ATOM   41  O OP2   . DT  A 1 3 ? -6.752 -2.071  -4.015  1.00 31.56 ? 1003 DT  A OP2   1 
ATOM   42  O "O5'" . DT  A 1 3 ? -5.026 -3.540  -2.873  1.00 25.64 ? 1003 DT  A "O5'" 1 
ATOM   43  C "C5'" . DT  A 1 3 ? -4.440 -4.840  -2.549  1.00 19.30 ? 1003 DT  A "C5'" 1 
ATOM   44  C "C4'" . DT  A 1 3 ? -3.560 -4.428  -1.323  1.00 23.10 ? 1003 DT  A "C4'" 1 
ATOM   45  O "O4'" . DT  A 1 3 ? -2.442 -3.644  -1.780  1.00 30.15 ? 1003 DT  A "O4'" 1 
ATOM   46  C "C3'" . DT  A 1 3 ? -4.420 -3.422  -0.394  1.00 27.39 ? 1003 DT  A "C3'" 1 
ATOM   47  O "O3'" . DT  A 1 3 ? -3.868 -3.652  0.972   1.00 37.81 ? 1003 DT  A "O3'" 1 
ATOM   48  C "C2'" . DT  A 1 3 ? -3.849 -2.015  -0.807  1.00 22.17 ? 1003 DT  A "C2'" 1 
ATOM   49  C "C1'" . DT  A 1 3 ? -2.280 -2.324  -0.997  1.00 30.74 ? 1003 DT  A "C1'" 1 
ATOM   50  N N1    . DT  A 1 3 ? -1.477 -1.490  -1.759  1.00 27.82 ? 1003 DT  A N1    1 
ATOM   51  C C2    . DT  A 1 3 ? -0.086 -1.585  -1.596  1.00 23.95 ? 1003 DT  A C2    1 
ATOM   52  O O2    . DT  A 1 3 ? 0.430  -2.385  -0.797  1.00 21.09 ? 1003 DT  A O2    1 
ATOM   53  N N3    . DT  A 1 3 ? 0.618  -0.726  -2.390  1.00 24.08 ? 1003 DT  A N3    1 
ATOM   54  C C4    . DT  A 1 3 ? 0.144  0.181   -3.293  1.00 17.82 ? 1003 DT  A C4    1 
ATOM   55  O O4    . DT  A 1 3 ? 0.895  0.893   -3.941  1.00 28.00 ? 1003 DT  A O4    1 
ATOM   56  C C5    . DT  A 1 3 ? -1.296 0.207   -3.391  1.00 29.96 ? 1003 DT  A C5    1 
ATOM   57  C C7    . DT  A 1 3 ? -1.958 1.168   -4.357  1.00 33.69 ? 1003 DT  A C7    1 
ATOM   58  C C6    . DT  A 1 3 ? -2.039 -0.619  -2.634  1.00 21.52 ? 1003 DT  A C6    1 
ATOM   59  P P     . DA  A 1 4 ? -4.719 -4.038  2.339   1.00 36.53 ? 1004 DA  A P     1 
ATOM   60  O OP1   . DA  A 1 4 ? -5.463 -5.326  2.142   1.00 58.20 ? 1004 DA  A OP1   1 
ATOM   61  O OP2   . DA  A 1 4 ? -5.427 -2.786  2.826   1.00 35.45 ? 1004 DA  A OP2   1 
ATOM   62  O "O5'" . DA  A 1 4 ? -3.435 -4.314  3.308   1.00 27.64 ? 1004 DA  A "O5'" 1 
ATOM   63  C "C5'" . DA  A 1 4 ? -2.480 -5.367  3.028   1.00 26.51 ? 1004 DA  A "C5'" 1 
ATOM   64  C "C4'" . DA  A 1 4 ? -1.184 -4.904  3.727   1.00 25.90 ? 1004 DA  A "C4'" 1 
ATOM   65  O "O4'" . DA  A 1 4 ? -0.533 -3.820  3.041   1.00 22.30 ? 1004 DA  A "O4'" 1 
ATOM   66  C "C3'" . DA  A 1 4 ? -1.463 -4.404  5.217   1.00 20.57 ? 1004 DA  A "C3'" 1 
ATOM   67  O "O3'" . DA  A 1 4 ? -0.252 -4.878  5.979   1.00 16.79 ? 1004 DA  A "O3'" 1 
ATOM   68  C "C2'" . DA  A 1 4 ? -1.306 -2.849  5.097   1.00 18.42 ? 1004 DA  A "C2'" 1 
ATOM   69  C "C1'" . DA  A 1 4 ? -0.244 -2.606  3.943   1.00 18.03 ? 1004 DA  A "C1'" 1 
ATOM   70  N N9    . DA  A 1 4 ? -0.699 -1.527  2.931   1.00 15.96 ? 1004 DA  A N9    1 
ATOM   71  C C8    . DA  A 1 4 ? -1.959 -1.110  2.558   1.00 19.25 ? 1004 DA  A C8    1 
ATOM   72  N N7    . DA  A 1 4 ? -1.905 -0.133  1.635   1.00 18.78 ? 1004 DA  A N7    1 
ATOM   73  C C5    . DA  A 1 4 ? -0.555 0.071   1.421   1.00 16.04 ? 1004 DA  A C5    1 
ATOM   74  C C6    . DA  A 1 4 ? 0.188  0.944   0.580   1.00 18.01 ? 1004 DA  A C6    1 
ATOM   75  N N6    . DA  A 1 4 ? -0.451 1.810   -0.229  1.00 20.51 ? 1004 DA  A N6    1 
ATOM   76  N N1    . DA  A 1 4 ? 1.525  0.889   0.606   1.00 17.18 ? 1004 DA  A N1    1 
ATOM   77  C C2    . DA  A 1 4 ? 2.112  0.016   1.423   1.00 14.27 ? 1004 DA  A C2    1 
ATOM   78  N N3    . DA  A 1 4 ? 1.563  -0.857  2.262   1.00 16.09 ? 1004 DA  A N3    1 
ATOM   79  C C4    . DA  A 1 4 ? 0.205  -0.779  2.208   1.00 22.49 ? 1004 DA  A C4    1 
ATOM   80  P P     . DC  A 1 5 ? -0.131 -4.440  7.566   1.00 19.65 ? 1005 DC  A P     1 
ATOM   81  O OP1   . DC  A 1 5 ? 0.725  -5.486  8.255   1.00 20.21 ? 1005 DC  A OP1   1 
ATOM   82  O OP2   . DC  A 1 5 ? -1.508 -4.056  8.075   1.00 22.76 ? 1005 DC  A OP2   1 
ATOM   83  O "O5'" . DC  A 1 5 ? 0.730  -3.069  7.453   1.00 18.59 ? 1005 DC  A "O5'" 1 
ATOM   84  C "C5'" . DC  A 1 5 ? 2.117  -3.163  7.019   1.00 17.77 ? 1005 DC  A "C5'" 1 
ATOM   85  C "C4'" . DC  A 1 5 ? 2.625  -1.707  6.983   1.00 17.27 ? 1005 DC  A "C4'" 1 
ATOM   86  O "O4'" . DC  A 1 5 ? 1.973  -0.924  5.940   1.00 17.42 ? 1005 DC  A "O4'" 1 
ATOM   87  C "C3'" . DC  A 1 5 ? 2.259  -0.974  8.374   1.00 18.18 ? 1005 DC  A "C3'" 1 
ATOM   88  O "O3'" . DC  A 1 5 ? 3.463  -0.163  8.656   1.00 17.17 ? 1005 DC  A "O3'" 1 
ATOM   89  C "C2'" . DC  A 1 5 ? 1.186  0.090   7.946   1.00 17.25 ? 1005 DC  A "C2'" 1 
ATOM   90  C "C1'" . DC  A 1 5 ? 1.553  0.423   6.420   1.00 17.59 ? 1005 DC  A "C1'" 1 
ATOM   91  N N1    . DC  A 1 5 ? 0.643  1.062   5.589   1.00 16.99 ? 1005 DC  A N1    1 
ATOM   92  C C2    . DC  A 1 5 ? 1.158  1.883   4.599   1.00 17.87 ? 1005 DC  A C2    1 
ATOM   93  O O2    . DC  A 1 5 ? 2.412  2.022   4.476   1.00 16.46 ? 1005 DC  A O2    1 
ATOM   94  N N3    . DC  A 1 5 ? 0.299  2.545   3.758   1.00 18.01 ? 1005 DC  A N3    1 
ATOM   95  C C4    . DC  A 1 5 ? -1.029 2.355   3.933   1.00 16.97 ? 1005 DC  A C4    1 
ATOM   96  N N4    . DC  A 1 5 ? -1.848 2.994   3.111   1.00 15.73 ? 1005 DC  A N4    1 
ATOM   97  C C5    . DC  A 1 5 ? -1.567 1.511   4.957   1.00 16.51 ? 1005 DC  A C5    1 
ATOM   98  C C6    . DC  A 1 5 ? -0.703 0.870   5.772   1.00 17.19 ? 1005 DC  A C6    1 
ATOM   99  P P     . DG  A 1 6 ? 3.860  0.049   10.265  1.00 21.00 ? 1006 DG  A P     1 
ATOM   100 O OP1   . DG  A 1 6 ? 4.805  -1.078  10.717  1.00 24.37 ? 1006 DG  A OP1   1 
ATOM   101 O OP2   . DG  A 1 6 ? 2.588  0.203   11.003  1.00 18.37 ? 1006 DG  A OP2   1 
ATOM   102 O "O5'" . DG  A 1 6 ? 4.747  1.365   10.088  1.00 20.21 ? 1006 DG  A "O5'" 1 
ATOM   103 C "C5'" . DG  A 1 6 ? 3.946  2.428   9.540   1.00 20.02 ? 1006 DG  A "C5'" 1 
ATOM   104 C "C4'" . DG  A 1 6 ? 4.831  3.670   9.868   1.00 28.62 ? 1006 DG  A "C4'" 1 
ATOM   105 O "O4'" . DG  A 1 6 ? 4.095  4.835   9.405   1.00 21.06 ? 1006 DG  A "O4'" 1 
ATOM   106 C "C3'" . DG  A 1 6 ? 4.921  3.805   11.479  1.00 22.23 ? 1006 DG  A "C3'" 1 
ATOM   107 O "O3'" . DG  A 1 6 ? 6.097  4.691   11.674  1.00 24.76 ? 1006 DG  A "O3'" 1 
ATOM   108 C "C2'" . DG  A 1 6 ? 3.685  4.731   11.768  1.00 22.90 ? 1006 DG  A "C2'" 1 
ATOM   109 C "C1'" . DG  A 1 6 ? 3.687  5.750   10.537  1.00 27.02 ? 1006 DG  A "C1'" 1 
ATOM   110 N N9    . DG  A 1 6 ? 2.224  6.065   10.112  1.00 18.50 ? 1006 DG  A N9    1 
ATOM   111 C C8    . DG  A 1 6 ? 1.029  5.599   10.568  1.00 22.94 ? 1006 DG  A C8    1 
ATOM   112 N N7    . DG  A 1 6 ? 0.019  6.143   9.911   1.00 22.32 ? 1006 DG  A N7    1 
ATOM   113 C C5    . DG  A 1 6 ? 0.609  6.983   9.010   1.00 17.96 ? 1006 DG  A C5    1 
ATOM   114 C C6    . DG  A 1 6 ? 0.055  7.847   8.021   1.00 16.51 ? 1006 DG  A C6    1 
ATOM   115 O O6    . DG  A 1 6 ? -1.172 7.970   7.822   1.00 19.41 ? 1006 DG  A O6    1 
ATOM   116 N N1    . DG  A 1 6 ? 1.016  8.536   7.304   1.00 16.81 ? 1006 DG  A N1    1 
ATOM   117 C C2    . DG  A 1 6 ? 2.376  8.456   7.467   1.00 13.00 ? 1006 DG  A C2    1 
ATOM   118 N N2    . DG  A 1 6 ? 3.119  9.230   6.646   1.00 15.17 ? 1006 DG  A N2    1 
ATOM   119 N N3    . DG  A 1 6 ? 2.898  7.653   8.384   1.00 14.58 ? 1006 DG  A N3    1 
ATOM   120 C C4    . DG  A 1 6 ? 1.989  6.967   9.097   1.00 18.42 ? 1006 DG  A C4    1 
HETATM 121 C C1    . 9AD B 2 . ? 0.642  -5.789  -6.975  1.00 19.40 ? 3014 9AD A C1    1 
HETATM 122 C C2    . 9AD B 2 . ? 0.035  -4.953  -7.902  1.00 19.63 ? 3014 9AD A C2    1 
HETATM 123 C C3    . 9AD B 2 . ? 0.814  -4.092  -8.621  1.00 20.88 ? 3014 9AD A C3    1 
HETATM 124 C C4    . 9AD B 2 . ? 2.209  -3.978  -8.466  1.00 21.90 ? 3014 9AD A C4    1 
HETATM 125 C C5    . 9AD B 2 . ? 6.196  -5.603  -6.477  1.00 20.15 ? 3014 9AD A C5    1 
HETATM 126 C C6    . 9AD B 2 . ? 6.863  -6.465  -5.604  1.00 17.74 ? 3014 9AD A C6    1 
HETATM 127 C C7    . 9AD B 2 . ? 6.157  -7.404  -4.856  1.00 19.72 ? 3014 9AD A C7    1 
HETATM 128 C C8    . 9AD B 2 . ? 4.780  -7.327  -4.772  1.00 20.86 ? 3014 9AD A C8    1 
HETATM 129 C C9    . 9AD B 2 . ? 2.670  -6.554  -5.800  1.00 22.06 ? 3014 9AD A C9    1 
HETATM 130 N N10   . 9AD B 2 . ? 4.172  -4.785  -7.362  1.00 20.30 ? 3014 9AD A N10   1 
HETATM 131 C C11   . 9AD B 2 . ? 2.030  -5.721  -6.759  1.00 18.97 ? 3014 9AD A C11   1 
HETATM 132 C C12   . 9AD B 2 . ? 2.877  -4.903  -7.610  1.00 22.66 ? 3014 9AD A C12   1 
HETATM 133 C C13   . 9AD B 2 . ? 4.074  -6.490  -5.677  1.00 22.14 ? 3014 9AD A C13   1 
HETATM 134 C C14   . 9AD B 2 . ? 4.804  -5.591  -6.530  1.00 23.34 ? 3014 9AD A C14   1 
HETATM 135 N N9    . 9AD B 2 . ? 1.922  -7.316  -4.974  1.00 22.22 ? 3014 9AD A N9    1 
HETATM 136 C CD1   . 9AD B 2 . ? 2.919  -2.848  -9.242  1.00 27.00 ? 3014 9AD A CD1   1 
HETATM 137 O OD1   . 9AD B 2 . ? 4.147  -2.855  -9.256  1.00 27.80 ? 3014 9AD A OD1   1 
HETATM 138 N ND1   . 9AD B 2 . ? 2.115  -1.962  -9.881  1.00 36.98 ? 3014 9AD A ND1   1 
HETATM 139 N ND2   . 9AD B 2 . ? 2.422  0.605   -8.587  1.00 61.88 ? 3014 9AD A ND2   1 
HETATM 140 C CD2   . 9AD B 2 . ? 2.605  -0.814  -10.662 1.00 43.09 ? 3014 9AD A CD2   1 
HETATM 141 C CD3   . 9AD B 2 . ? 3.296  0.217   -9.747  1.00 50.22 ? 3014 9AD A CD3   1 
HETATM 142 C CD7   . 9AD B 2 . ? 3.148  1.508   -7.652  1.00 38.09 ? 3014 9AD A CD7   1 
HETATM 143 C CD8   . 9AD B 2 . ? 1.093  1.136   -9.013  1.00 56.88 ? 3014 9AD A CD8   1 
HETATM 144 C C1    A 9AD C 2 . ? 2.703  10.877  9.833   0.50 11.98 ? 3015 9AD A C1    1 
HETATM 145 C C2    A 9AD C 2 . ? 2.425  9.941   10.804  0.50 16.71 ? 3015 9AD A C2    1 
HETATM 146 C C3    A 9AD C 2 . ? 1.132  9.587   11.131  0.50 20.34 ? 3015 9AD A C3    1 
HETATM 147 C C4    A 9AD C 2 . ? 0.009  10.184  10.526  0.50 23.89 ? 3015 9AD A C4    1 
HETATM 148 C C5    A 9AD C 2 . ? -1.729 12.888  7.147   0.50 10.95 ? 3015 9AD A C5    1 
HETATM 149 C C6    A 9AD C 2 . ? -1.632 13.939  6.238   0.50 23.55 ? 3015 9AD A C6    1 
HETATM 150 C C7    A 9AD C 2 . ? -0.386 14.266  5.696   0.50 15.06 ? 3015 9AD A C7    1 
HETATM 151 C C8    A 9AD C 2 . ? 0.773  13.886  6.362   0.50 15.21 ? 3015 9AD A C8    1 
HETATM 152 C C9    A 9AD C 2 . ? 1.852  12.481  8.120   0.50 12.49 ? 3015 9AD A C9    1 
HETATM 153 N N10   A 9AD C 2 . ? -0.723 11.713  8.870   0.50 16.90 ? 3015 9AD A N10   1 
HETATM 154 C C11   A 9AD C 2 . ? 1.647  11.521  9.154   0.50 14.54 ? 3015 9AD A C11   1 
HETATM 155 C C12   A 9AD C 2 . ? 0.293  11.062  9.420   0.50 20.45 ? 3015 9AD A C12   1 
HETATM 156 C C13   A 9AD C 2 . ? 0.715  12.964  7.423   0.50 16.88 ? 3015 9AD A C13   1 
HETATM 157 C C14   A 9AD C 2 . ? -0.579 12.492  7.833   0.50 13.19 ? 3015 9AD A C14   1 
HETATM 158 N N9    A 9AD C 2 . ? 3.078  12.860  7.685   0.50 15.05 ? 3015 9AD A N9    1 
HETATM 159 C CD1   A 9AD C 2 . ? -1.420 9.668   10.836  0.50 30.44 ? 3015 9AD A CD1   1 
HETATM 160 O OD1   A 9AD C 2 . ? -2.426 10.263  10.419  0.50 26.21 ? 3015 9AD A OD1   1 
HETATM 161 N ND1   A 9AD C 2 . ? -1.636 8.524   11.529  0.50 35.92 ? 3015 9AD A ND1   1 
HETATM 162 N ND2   A 9AD C 2 . ? -2.446 5.745   10.936  0.50 24.34 ? 3015 9AD A ND2   1 
HETATM 163 C CD2   A 9AD C 2 . ? -2.990 8.063   11.888  0.50 33.06 ? 3015 9AD A CD2   1 
HETATM 164 C CD3   A 9AD C 2 . ? -3.450 6.859   11.042  0.50 23.25 ? 3015 9AD A CD3   1 
HETATM 165 C CD7   A 9AD C 2 . ? -2.425 4.944   12.200  0.50 25.86 ? 3015 9AD A CD7   1 
HETATM 166 C CD8   A 9AD C 2 . ? -2.689 4.863   9.757   0.50 35.01 ? 3015 9AD A CD8   1 
HETATM 167 O O     . HOH D 3 . ? -8.003 -1.889  -10.356 1.00 23.95 ? 4001 HOH A O     1 
HETATM 168 O O     . HOH D 3 . ? -1.923 -7.938  -8.596  1.00 23.11 ? 4002 HOH A O     1 
HETATM 169 O O     . HOH D 3 . ? -2.776 -6.487  -6.564  1.00 31.87 ? 4003 HOH A O     1 
HETATM 170 O O     . HOH D 3 . ? -3.767 -0.579  -14.058 1.00 29.77 ? 4004 HOH A O     1 
HETATM 171 O O     . HOH D 3 . ? 7.131  7.253   10.503  1.00 26.42 ? 4005 HOH A O     1 
HETATM 172 O O     . HOH D 3 . ? -7.307 -6.558  -5.288  1.00 41.78 ? 4006 HOH A O     1 
HETATM 173 O O     . HOH D 3 . ? -1.506 -1.090  -15.175 1.00 31.81 ? 4007 HOH A O     1 
HETATM 174 O O     . HOH D 3 . ? -3.501 1.549   0.316   1.00 34.63 ? 4008 HOH A O     1 
HETATM 175 O O     . HOH D 3 . ? 0.762  -1.727  11.634  1.00 34.69 ? 4009 HOH A O     1 
HETATM 176 O O     . HOH D 3 . ? 6.951  -2.818  -10.224 1.00 31.71 ? 4010 HOH A O     1 
HETATM 177 O O     . HOH D 3 . ? 0.873  2.228   10.997  1.00 35.07 ? 4011 HOH A O     1 
HETATM 178 O O     . HOH D 3 . ? -1.376 2.147   10.465  1.00 42.65 ? 4012 HOH A O     1 
HETATM 179 O O     . HOH D 3 . ? 5.606  9.036   11.955  1.00 34.07 ? 4013 HOH A O     1 
HETATM 180 O O     . HOH D 3 . ? -4.580 2.712   3.332   1.00 32.57 ? 4014 HOH A O     1 
HETATM 181 O O     . HOH D 3 . ? 4.003  14.409  5.898   1.00 27.22 ? 4015 HOH A O     1 
HETATM 182 O O     . HOH D 3 . ? 1.925  -4.829  10.625  1.00 22.30 ? 4016 HOH A O     1 
HETATM 183 O O     . HOH D 3 . ? -4.621 -1.043  4.669   1.00 50.20 ? 4017 HOH A O     1 
HETATM 184 O O     . HOH D 3 . ? -5.249 1.057   -14.700 1.00 31.17 ? 4018 HOH A O     1 
HETATM 185 O O     . HOH D 3 . ? -3.414 0.933   -7.769  1.00 31.36 ? 4019 HOH A O     1 
HETATM 186 O O     . HOH D 3 . ? -4.505 0.163   -10.368 1.00 39.58 ? 4020 HOH A O     1 
HETATM 187 O O     . HOH D 3 . ? 1.007  -4.917  -16.215 1.00 14.72 ? 4021 HOH A O     1 
HETATM 188 O O     . HOH D 3 . ? -4.868 -7.413  -5.105  1.00 43.23 ? 4022 HOH A O     1 
HETATM 189 O O     . HOH D 3 . ? -4.457 -8.456  -2.930  1.00 43.97 ? 4023 HOH A O     1 
HETATM 190 O O     . HOH D 3 . ? -0.543 -1.794  -10.918 1.00 28.17 ? 4024 HOH A O     1 
HETATM 191 O O     . HOH D 3 . ? 3.491  7.598   13.642  0.50 31.63 ? 4025 HOH A O     1 
HETATM 192 O O     . HOH D 3 . ? -0.803 -10.210 -6.777  1.00 45.97 ? 4026 HOH A O     1 
HETATM 193 O O     . HOH D 3 . ? -2.557 -1.433  8.053   1.00 52.79 ? 4027 HOH A O     1 
HETATM 194 O O     . HOH D 3 . ? 9.787  -2.668  -10.741 1.00 56.74 ? 4028 HOH A O     1 
HETATM 195 O O     . HOH D 3 . ? 4.446  6.285   15.203  0.50 57.41 ? 4029 HOH A O     1 
# 
